data_6UJ0
#
_entry.id   6UJ0
#
_cell.length_a   46.603
_cell.length_b   58.982
_cell.length_c   84.555
_cell.angle_alpha   113.394
_cell.angle_beta   93.673
_cell.angle_gamma   96.382
#
_symmetry.space_group_name_H-M   'P 1'
#
loop_
_entity.id
_entity.type
_entity.pdbx_description
1 polymer 'Beta-secretase 2'
2 polymer 'unidentified polypeptide'
3 water water
#
loop_
_entity_poly.entity_id
_entity_poly.type
_entity_poly.pdbx_seq_one_letter_code
_entity_poly.pdbx_strand_id
1 'polypeptide(L)'
;MGALARALLLPLLAQWLLRAAPELAPAPFTLPLRVAAATNRVVAPTPGPGTPAERHADGLALALEPALASPAGAANFLAM
VDNLQGDSGRGYYLEMLIGTPPQKLQILVDTGSSNFAVAGTPHSYIDTYFDTERSSTYRSKGFDVTVKYTQGSWTGFVGE
DLVTIPKGFNTSFLVNIATIFESENFFLPGIKWNGILGLAYATLAKPSSSLETFFDSLVTQANIPNVFSMQMCGAGLPVA
GSGTNGGSLVLGGIEPSLYKGDIWYTPIKEEWYYQIEILKLEIGGQSLNLDCREYNADKAIVDSGTTLLRLPQKVFDAVV
EAVARASLIPAFSDGFWTGSQLACWTNSETPWSYFPKISIYLRDENSSRSFRITILPQLYIQPMMGAGLNYECYRFGISP
STNALVIGATVMEGFYVIFDRAQKRVGFAASPCAEIAGAAVSEISGPFSTEDVASNCVPA
;
A,B
2 'polypeptide(L)' (UNK)(UNK)(UNK)(UNK)(UNK)(UNK)(UNK) C,D
#
# COMPACT_ATOMS: atom_id res chain seq x y z
N ALA A 79 21.47 4.21 -11.81
CA ALA A 79 20.64 3.97 -12.98
C ALA A 79 21.33 2.99 -13.93
N MET A 80 21.39 1.72 -13.52
CA MET A 80 22.07 0.69 -14.30
C MET A 80 21.17 0.25 -15.45
N VAL A 81 21.70 0.29 -16.67
CA VAL A 81 20.95 -0.03 -17.88
C VAL A 81 21.52 -1.33 -18.43
N ASP A 82 20.73 -2.40 -18.32
CA ASP A 82 21.16 -3.73 -18.77
C ASP A 82 20.49 -4.07 -20.10
N ASN A 83 21.29 -4.56 -21.04
CA ASN A 83 20.78 -5.04 -22.31
C ASN A 83 19.79 -6.17 -22.09
N LEU A 84 18.77 -6.23 -22.94
CA LEU A 84 17.82 -7.32 -22.96
C LEU A 84 17.83 -7.98 -24.33
N GLN A 85 17.58 -9.29 -24.34
CA GLN A 85 17.45 -10.03 -25.59
C GLN A 85 16.16 -10.83 -25.58
N GLY A 86 15.67 -11.13 -26.77
CA GLY A 86 14.41 -11.83 -26.93
C GLY A 86 14.32 -12.55 -28.26
N ARG A 90 8.99 -14.42 -27.24
CA ARG A 90 8.01 -14.56 -26.18
C ARG A 90 8.49 -13.87 -24.89
N GLY A 91 9.69 -14.22 -24.47
CA GLY A 91 10.22 -13.76 -23.19
C GLY A 91 11.51 -12.99 -23.34
N TYR A 92 11.67 -11.97 -22.49
CA TYR A 92 12.84 -11.10 -22.50
C TYR A 92 13.78 -11.51 -21.38
N TYR A 93 15.05 -11.74 -21.73
CA TYR A 93 16.04 -12.21 -20.77
C TYR A 93 17.30 -11.37 -20.87
N LEU A 94 18.02 -11.31 -19.75
CA LEU A 94 19.28 -10.59 -19.67
C LEU A 94 20.39 -11.55 -19.27
N GLU A 95 21.61 -11.21 -19.68
CA GLU A 95 22.78 -12.01 -19.34
C GLU A 95 23.25 -11.64 -17.94
N MET A 96 23.35 -12.64 -17.07
CA MET A 96 23.69 -12.42 -15.67
C MET A 96 24.91 -13.25 -15.30
N LEU A 97 25.84 -12.62 -14.59
CA LEU A 97 27.04 -13.28 -14.10
C LEU A 97 26.81 -13.66 -12.64
N ILE A 98 26.92 -14.95 -12.33
CA ILE A 98 26.60 -15.46 -11.00
C ILE A 98 27.76 -16.30 -10.50
N GLY A 99 28.17 -16.05 -9.27
CA GLY A 99 29.15 -16.89 -8.61
C GLY A 99 30.57 -16.38 -8.76
N THR A 100 31.54 -17.14 -8.23
CA THR A 100 32.92 -16.79 -8.17
C THR A 100 33.71 -18.06 -8.52
N PRO A 101 34.33 -18.17 -9.70
CA PRO A 101 34.33 -17.31 -10.87
C PRO A 101 32.95 -17.16 -11.52
N PRO A 102 32.68 -15.95 -12.09
CA PRO A 102 31.31 -15.77 -12.62
C PRO A 102 30.96 -16.82 -13.67
N GLN A 103 29.70 -17.31 -13.62
CA GLN A 103 29.16 -18.21 -14.59
C GLN A 103 28.10 -17.36 -15.30
N LYS A 104 27.99 -17.46 -16.60
CA LYS A 104 27.08 -16.65 -17.39
C LYS A 104 25.83 -17.45 -17.72
N LEU A 105 24.68 -16.95 -17.28
CA LEU A 105 23.39 -17.59 -17.54
C LEU A 105 22.43 -16.56 -18.13
N GLN A 106 21.38 -17.07 -18.76
CA GLN A 106 20.36 -16.26 -19.41
C GLN A 106 19.10 -16.31 -18.54
N ILE A 107 18.66 -15.15 -18.07
CA ILE A 107 17.64 -15.07 -17.02
C ILE A 107 16.43 -14.31 -17.55
N LEU A 108 15.26 -14.92 -17.43
CA LEU A 108 14.02 -14.29 -17.85
C LEU A 108 13.61 -13.22 -16.84
N VAL A 109 13.27 -12.05 -17.36
CA VAL A 109 12.76 -10.96 -16.53
C VAL A 109 11.27 -11.19 -16.32
N ASP A 110 10.86 -11.33 -15.06
CA ASP A 110 9.48 -11.66 -14.72
C ASP A 110 9.00 -10.72 -13.62
N THR A 111 8.12 -9.79 -13.98
CA THR A 111 7.51 -8.90 -13.00
C THR A 111 6.26 -9.49 -12.37
N GLY A 112 5.92 -10.74 -12.72
CA GLY A 112 4.80 -11.44 -12.12
C GLY A 112 5.17 -12.48 -11.09
N SER A 113 6.43 -12.54 -10.67
CA SER A 113 6.86 -13.43 -9.59
C SER A 113 7.96 -12.71 -8.80
N SER A 114 8.46 -13.37 -7.76
CA SER A 114 9.40 -12.70 -6.88
C SER A 114 10.54 -13.58 -6.39
N ASN A 115 10.87 -14.65 -7.13
CA ASN A 115 11.98 -15.52 -6.78
C ASN A 115 13.06 -15.46 -7.87
N PHE A 116 14.31 -15.37 -7.44
CA PHE A 116 15.46 -15.58 -8.30
C PHE A 116 15.77 -17.07 -8.31
N ALA A 117 15.60 -17.71 -9.45
CA ALA A 117 15.85 -19.15 -9.57
C ALA A 117 16.56 -19.44 -10.88
N VAL A 118 17.49 -20.38 -10.84
CA VAL A 118 18.27 -20.76 -12.01
C VAL A 118 18.40 -22.28 -12.06
N ALA A 119 18.52 -22.80 -13.28
CA ALA A 119 18.79 -24.23 -13.44
C ALA A 119 20.07 -24.62 -12.72
N GLY A 120 20.01 -25.72 -11.97
CA GLY A 120 21.15 -26.18 -11.22
C GLY A 120 21.64 -27.55 -11.64
N THR A 121 20.96 -28.14 -12.61
CA THR A 121 21.32 -29.44 -13.16
C THR A 121 21.15 -29.36 -14.67
N PRO A 122 21.85 -30.22 -15.42
CA PRO A 122 21.61 -30.27 -16.86
C PRO A 122 20.14 -30.54 -17.17
N HIS A 123 19.66 -29.96 -18.28
CA HIS A 123 18.32 -30.21 -18.76
C HIS A 123 18.33 -30.25 -20.27
N SER A 124 17.45 -31.08 -20.83
CA SER A 124 17.45 -31.32 -22.27
C SER A 124 17.26 -30.03 -23.06
N TYR A 125 16.45 -29.11 -22.53
CA TYR A 125 16.00 -27.96 -23.29
C TYR A 125 16.80 -26.70 -22.99
N ILE A 126 17.84 -26.78 -22.17
CA ILE A 126 18.72 -25.65 -21.90
C ILE A 126 20.12 -26.03 -22.33
N ASP A 127 20.95 -25.03 -22.57
CA ASP A 127 22.33 -25.24 -22.99
C ASP A 127 23.34 -25.02 -21.87
N THR A 128 22.94 -24.43 -20.76
CA THR A 128 23.84 -24.27 -19.62
C THR A 128 23.02 -24.15 -18.35
N TYR A 129 23.71 -24.25 -17.21
CA TYR A 129 23.08 -24.20 -15.91
C TYR A 129 24.10 -23.71 -14.90
N PHE A 130 23.62 -23.40 -13.69
CA PHE A 130 24.48 -22.85 -12.64
C PHE A 130 24.96 -23.99 -11.75
N ASP A 131 26.27 -24.17 -11.62
CA ASP A 131 26.83 -25.21 -10.84
C ASP A 131 27.38 -24.67 -9.57
N THR A 132 26.74 -24.96 -8.47
CA THR A 132 27.14 -24.46 -7.17
C THR A 132 28.52 -24.91 -6.76
N GLU A 133 28.92 -26.10 -7.18
CA GLU A 133 30.24 -26.63 -6.85
C GLU A 133 31.34 -25.71 -7.39
N ARG A 134 31.12 -25.14 -8.56
CA ARG A 134 32.10 -24.25 -9.16
C ARG A 134 32.25 -22.88 -8.48
N SER A 135 31.32 -22.48 -7.60
CA SER A 135 31.42 -21.17 -7.07
C SER A 135 31.91 -21.19 -5.67
N SER A 136 32.96 -20.47 -5.43
CA SER A 136 33.54 -20.39 -4.13
C SER A 136 32.67 -19.70 -3.14
N THR A 137 31.99 -18.66 -3.61
CA THR A 137 31.09 -17.83 -2.78
C THR A 137 29.70 -18.36 -2.46
N TYR A 138 29.26 -19.37 -3.13
CA TYR A 138 27.93 -19.92 -2.90
C TYR A 138 27.84 -20.50 -1.50
N ARG A 139 26.72 -20.25 -0.84
CA ARG A 139 26.48 -20.78 0.50
C ARG A 139 25.06 -21.33 0.56
N SER A 140 24.94 -22.62 0.81
CA SER A 140 23.64 -23.24 0.97
C SER A 140 22.98 -22.78 2.27
N LYS A 141 21.66 -22.63 2.24
CA LYS A 141 20.88 -22.34 3.44
C LYS A 141 20.07 -23.54 3.89
N GLY A 142 20.35 -24.72 3.36
CA GLY A 142 19.84 -25.96 3.92
C GLY A 142 18.33 -26.12 3.88
N PHE A 143 17.71 -25.79 2.77
CA PHE A 143 16.30 -26.11 2.58
C PHE A 143 15.94 -25.92 1.12
N ASP A 144 14.79 -26.48 0.75
CA ASP A 144 14.26 -26.41 -0.61
C ASP A 144 13.04 -25.52 -0.63
N VAL A 145 12.59 -25.20 -1.85
CA VAL A 145 11.36 -24.46 -2.04
C VAL A 145 10.76 -24.89 -3.38
N THR A 146 9.43 -24.95 -3.42
CA THR A 146 8.70 -25.25 -4.65
C THR A 146 7.88 -24.01 -5.01
N VAL A 147 8.10 -23.50 -6.21
CA VAL A 147 7.36 -22.35 -6.72
C VAL A 147 6.50 -22.84 -7.88
N LYS A 148 5.23 -22.42 -7.90
CA LYS A 148 4.35 -22.79 -8.99
C LYS A 148 3.82 -21.54 -9.69
N TYR A 149 3.68 -21.64 -11.00
CA TYR A 149 3.23 -20.55 -11.85
C TYR A 149 1.91 -20.92 -12.51
N THR A 150 1.37 -19.97 -13.29
CA THR A 150 0.22 -20.26 -14.13
C THR A 150 0.45 -21.54 -14.93
N GLN A 151 1.58 -21.62 -15.62
CA GLN A 151 1.99 -22.82 -16.34
C GLN A 151 3.43 -23.14 -15.96
N GLY A 152 3.65 -24.30 -15.37
CA GLY A 152 4.99 -24.74 -15.02
C GLY A 152 5.29 -24.56 -13.53
N SER A 153 6.29 -25.31 -13.07
CA SER A 153 6.68 -25.26 -11.66
C SER A 153 8.06 -25.87 -11.52
N TRP A 154 8.73 -25.53 -10.41
CA TRP A 154 10.07 -26.05 -10.15
C TRP A 154 10.28 -26.21 -8.65
N THR A 155 11.33 -26.97 -8.33
CA THR A 155 11.82 -27.15 -6.97
C THR A 155 13.32 -26.93 -6.98
N GLY A 156 13.84 -26.20 -6.01
CA GLY A 156 15.24 -25.85 -6.01
C GLY A 156 15.79 -25.65 -4.61
N PHE A 157 17.10 -25.89 -4.47
CA PHE A 157 17.78 -25.59 -3.22
C PHE A 157 17.93 -24.08 -3.08
N VAL A 158 17.74 -23.59 -1.86
CA VAL A 158 17.87 -22.16 -1.58
C VAL A 158 19.24 -21.91 -0.97
N GLY A 159 19.91 -20.88 -1.45
CA GLY A 159 21.20 -20.47 -0.92
C GLY A 159 21.41 -19.00 -1.22
N GLU A 160 22.67 -18.60 -1.27
CA GLU A 160 23.02 -17.22 -1.59
C GLU A 160 24.36 -17.21 -2.32
N ASP A 161 24.49 -16.30 -3.28
CA ASP A 161 25.72 -16.13 -4.03
C ASP A 161 25.78 -14.69 -4.51
N LEU A 162 26.87 -14.35 -5.17
CA LEU A 162 27.10 -12.98 -5.65
C LEU A 162 26.76 -12.90 -7.12
N VAL A 163 25.99 -11.87 -7.48
CA VAL A 163 25.69 -11.56 -8.88
C VAL A 163 26.53 -10.35 -9.26
N THR A 164 27.32 -10.49 -10.33
CA THR A 164 28.29 -9.47 -10.69
C THR A 164 27.64 -8.44 -11.62
N ILE A 165 27.42 -7.24 -11.10
CA ILE A 165 26.98 -6.10 -11.90
C ILE A 165 27.93 -4.95 -11.57
N PRO A 166 29.06 -4.83 -12.25
CA PRO A 166 30.09 -3.87 -11.82
C PRO A 166 29.61 -2.43 -11.92
N LYS A 167 29.88 -1.66 -10.87
CA LYS A 167 29.62 -0.21 -10.87
C LYS A 167 30.34 0.42 -9.68
N GLY A 168 31.28 1.33 -9.94
CA GLY A 168 32.00 1.97 -8.86
C GLY A 168 32.94 1.00 -8.15
N PHE A 169 33.00 1.09 -6.83
CA PHE A 169 33.78 0.17 -6.01
C PHE A 169 33.00 -1.08 -5.65
N ASN A 170 31.94 -1.41 -6.39
CA ASN A 170 31.10 -2.56 -6.12
C ASN A 170 31.20 -3.53 -7.28
N THR A 171 31.69 -4.73 -7.01
CA THR A 171 31.79 -5.76 -8.03
C THR A 171 30.48 -6.53 -8.20
N SER A 172 29.86 -6.92 -7.08
CA SER A 172 28.70 -7.80 -7.13
C SER A 172 27.80 -7.51 -5.94
N PHE A 173 26.66 -8.19 -5.90
CA PHE A 173 25.70 -8.07 -4.81
C PHE A 173 25.33 -9.45 -4.32
N LEU A 174 25.15 -9.58 -3.00
CA LEU A 174 24.76 -10.84 -2.39
C LEU A 174 23.24 -10.96 -2.44
N VAL A 175 22.76 -12.01 -3.10
CA VAL A 175 21.33 -12.20 -3.30
C VAL A 175 20.95 -13.63 -2.95
N ASN A 176 19.68 -13.81 -2.58
CA ASN A 176 19.11 -15.14 -2.47
C ASN A 176 18.96 -15.74 -3.86
N ILE A 177 19.19 -17.05 -3.96
CA ILE A 177 19.09 -17.74 -5.24
C ILE A 177 18.58 -19.15 -4.99
N ALA A 178 17.63 -19.59 -5.82
CA ALA A 178 17.12 -20.95 -5.81
C ALA A 178 17.72 -21.69 -6.99
N THR A 179 18.46 -22.77 -6.72
CA THR A 179 19.08 -23.56 -7.76
C THR A 179 18.19 -24.78 -8.04
N ILE A 180 17.62 -24.81 -9.24
CA ILE A 180 16.57 -25.77 -9.57
C ILE A 180 17.20 -27.13 -9.86
N PHE A 181 16.70 -28.16 -9.17
CA PHE A 181 17.08 -29.53 -9.45
C PHE A 181 15.92 -30.40 -9.92
N GLU A 182 14.68 -29.96 -9.74
CA GLU A 182 13.49 -30.67 -10.20
C GLU A 182 12.52 -29.65 -10.78
N SER A 183 11.91 -29.98 -11.92
CA SER A 183 10.94 -29.08 -12.51
C SER A 183 10.06 -29.83 -13.49
N GLU A 184 8.91 -29.22 -13.80
CA GLU A 184 7.94 -29.79 -14.72
C GLU A 184 7.40 -28.68 -15.61
N ASN A 185 7.50 -28.88 -16.93
CA ASN A 185 7.00 -27.94 -17.92
C ASN A 185 7.44 -26.50 -17.64
N PHE A 186 8.59 -26.35 -16.98
CA PHE A 186 9.17 -25.04 -16.78
C PHE A 186 10.20 -24.73 -17.87
N PHE A 187 11.18 -25.60 -18.05
CA PHE A 187 12.12 -25.50 -19.16
C PHE A 187 11.49 -26.16 -20.37
N LEU A 188 11.10 -25.36 -21.36
CA LEU A 188 10.39 -25.87 -22.52
C LEU A 188 11.29 -25.88 -23.74
N PRO A 189 11.02 -26.76 -24.71
CA PRO A 189 11.80 -26.74 -25.96
C PRO A 189 11.58 -25.44 -26.70
N GLY A 190 12.69 -24.77 -27.03
CA GLY A 190 12.66 -23.52 -27.75
C GLY A 190 13.04 -22.31 -26.91
N ILE A 191 12.88 -22.39 -25.59
CA ILE A 191 13.23 -21.25 -24.76
C ILE A 191 14.72 -20.97 -24.87
N LYS A 192 15.10 -19.72 -24.64
CA LYS A 192 16.49 -19.30 -24.71
C LYS A 192 17.07 -18.95 -23.34
N TRP A 193 16.26 -18.98 -22.29
CA TRP A 193 16.71 -18.69 -20.94
C TRP A 193 16.88 -19.99 -20.15
N ASN A 194 17.56 -19.87 -19.00
CA ASN A 194 17.78 -21.00 -18.11
C ASN A 194 17.62 -20.57 -16.65
N GLY A 195 16.94 -19.45 -16.42
CA GLY A 195 16.65 -18.97 -15.08
C GLY A 195 15.57 -17.91 -15.19
N ILE A 196 15.07 -17.51 -14.03
CA ILE A 196 13.98 -16.54 -13.96
C ILE A 196 14.33 -15.53 -12.88
N LEU A 197 14.02 -14.25 -13.14
CA LEU A 197 14.31 -13.16 -12.23
C LEU A 197 12.98 -12.50 -11.83
N GLY A 198 12.47 -12.87 -10.66
CA GLY A 198 11.23 -12.32 -10.17
C GLY A 198 11.38 -10.92 -9.62
N LEU A 199 10.76 -9.94 -10.29
CA LEU A 199 10.91 -8.55 -9.91
C LEU A 199 9.66 -7.98 -9.24
N ALA A 200 8.76 -8.84 -8.77
CA ALA A 200 7.57 -8.37 -8.09
C ALA A 200 7.88 -8.19 -6.60
N TYR A 201 6.84 -7.97 -5.80
CA TYR A 201 7.03 -7.59 -4.40
C TYR A 201 7.27 -8.81 -3.52
N ALA A 202 7.79 -8.55 -2.32
CA ALA A 202 8.14 -9.62 -1.41
C ALA A 202 6.94 -10.50 -1.07
N THR A 203 5.73 -9.95 -1.18
CA THR A 203 4.54 -10.72 -0.80
C THR A 203 4.44 -12.02 -1.59
N LEU A 204 4.98 -12.05 -2.81
CA LEU A 204 4.87 -13.22 -3.66
C LEU A 204 6.03 -14.20 -3.49
N ALA A 205 7.02 -13.87 -2.68
CA ALA A 205 8.21 -14.69 -2.56
C ALA A 205 7.92 -15.96 -1.76
N LYS A 206 8.49 -17.08 -2.21
CA LYS A 206 8.42 -18.36 -1.53
C LYS A 206 9.77 -18.69 -0.91
N PRO A 207 9.80 -19.34 0.27
CA PRO A 207 8.63 -19.86 1.00
C PRO A 207 7.80 -18.79 1.69
N SER A 208 8.40 -17.64 2.01
CA SER A 208 7.68 -16.59 2.73
C SER A 208 8.09 -15.24 2.19
N SER A 209 7.35 -14.21 2.62
CA SER A 209 7.67 -12.84 2.24
C SER A 209 9.00 -12.38 2.80
N SER A 210 9.52 -13.06 3.81
CA SER A 210 10.77 -12.66 4.44
C SER A 210 12.01 -13.06 3.65
N LEU A 211 11.84 -13.77 2.53
CA LEU A 211 12.98 -14.16 1.69
C LEU A 211 13.28 -13.00 0.74
N GLU A 212 14.31 -12.22 1.08
CA GLU A 212 14.56 -10.96 0.40
C GLU A 212 14.61 -11.09 -1.10
N THR A 213 13.89 -10.22 -1.79
CA THR A 213 13.83 -10.20 -3.24
C THR A 213 15.19 -9.79 -3.81
N PHE A 214 15.38 -10.13 -5.09
CA PHE A 214 16.60 -9.73 -5.79
C PHE A 214 16.72 -8.21 -5.83
N PHE A 215 15.64 -7.52 -6.23
CA PHE A 215 15.72 -6.07 -6.38
C PHE A 215 15.87 -5.39 -5.02
N ASP A 216 15.23 -5.91 -3.98
CA ASP A 216 15.42 -5.33 -2.65
C ASP A 216 16.86 -5.50 -2.19
N SER A 217 17.46 -6.65 -2.47
CA SER A 217 18.89 -6.81 -2.21
C SER A 217 19.69 -5.74 -2.93
N LEU A 218 19.37 -5.51 -4.21
CA LEU A 218 20.07 -4.49 -4.98
C LEU A 218 19.87 -3.11 -4.37
N VAL A 219 18.63 -2.77 -4.01
CA VAL A 219 18.35 -1.44 -3.48
C VAL A 219 19.12 -1.22 -2.19
N THR A 220 19.09 -2.19 -1.29
CA THR A 220 19.69 -1.99 0.03
C THR A 220 21.21 -1.95 -0.05
N GLN A 221 21.81 -2.77 -0.91
CA GLN A 221 23.27 -2.87 -0.96
C GLN A 221 23.88 -1.75 -1.78
N ALA A 222 23.26 -1.37 -2.90
CA ALA A 222 23.75 -0.29 -3.74
C ALA A 222 23.09 1.05 -3.43
N ASN A 223 22.07 1.06 -2.58
CA ASN A 223 21.34 2.28 -2.23
C ASN A 223 20.95 3.06 -3.49
N ILE A 224 20.40 2.36 -4.46
CA ILE A 224 19.85 2.98 -5.66
C ILE A 224 18.38 3.25 -5.43
N PRO A 225 17.74 4.12 -6.21
CA PRO A 225 16.29 4.33 -6.04
C PRO A 225 15.51 3.04 -6.22
N ASN A 226 14.44 2.89 -5.42
CA ASN A 226 13.58 1.72 -5.50
C ASN A 226 12.69 1.81 -6.74
N VAL A 227 13.31 1.82 -7.91
CA VAL A 227 12.59 1.96 -9.17
C VAL A 227 13.35 1.20 -10.26
N PHE A 228 12.60 0.61 -11.18
CA PHE A 228 13.20 0.03 -12.38
C PHE A 228 12.19 0.17 -13.52
N SER A 229 12.72 0.16 -14.74
CA SER A 229 11.90 0.37 -15.92
C SER A 229 12.35 -0.59 -17.02
N MET A 230 11.43 -0.89 -17.93
CA MET A 230 11.67 -1.87 -18.97
C MET A 230 11.29 -1.29 -20.33
N GLN A 231 12.18 -1.45 -21.29
CA GLN A 231 11.93 -1.12 -22.69
C GLN A 231 12.02 -2.42 -23.47
N MET A 232 10.89 -2.88 -23.99
CA MET A 232 10.83 -4.11 -24.80
C MET A 232 10.58 -3.72 -26.24
N CYS A 233 11.41 -4.24 -27.15
CA CYS A 233 11.41 -3.77 -28.53
C CYS A 233 11.15 -4.90 -29.52
N GLY A 234 10.54 -5.98 -29.07
CA GLY A 234 10.25 -7.12 -29.91
C GLY A 234 8.95 -7.06 -30.68
N ALA A 235 8.24 -5.93 -30.65
CA ALA A 235 7.01 -5.80 -31.41
C ALA A 235 7.27 -6.10 -32.89
N GLY A 236 6.51 -7.05 -33.42
CA GLY A 236 6.66 -7.47 -34.80
C GLY A 236 7.56 -8.66 -35.01
N LEU A 237 8.42 -8.97 -34.06
CA LEU A 237 9.28 -10.15 -34.16
C LEU A 237 8.42 -11.41 -34.07
N PRO A 238 8.50 -12.29 -35.05
CA PRO A 238 7.68 -13.50 -35.00
C PRO A 238 8.15 -14.43 -33.90
N VAL A 239 7.26 -15.25 -33.38
CA VAL A 239 7.64 -16.18 -32.33
C VAL A 239 8.80 -17.13 -32.66
N ALA A 240 8.95 -17.56 -33.91
CA ALA A 240 10.06 -18.41 -34.26
C ALA A 240 11.20 -17.59 -34.89
N ASN A 245 18.33 -8.43 -30.21
CA ASN A 245 18.13 -7.24 -29.39
C ASN A 245 16.72 -7.22 -28.81
N GLY A 246 16.62 -7.37 -27.50
CA GLY A 246 15.33 -7.36 -26.84
C GLY A 246 14.90 -5.97 -26.45
N GLY A 247 15.81 -5.20 -25.90
CA GLY A 247 15.50 -3.88 -25.38
C GLY A 247 16.42 -3.56 -24.21
N SER A 248 15.84 -3.00 -23.16
CA SER A 248 16.64 -2.55 -22.03
C SER A 248 15.87 -2.74 -20.73
N LEU A 249 16.62 -3.10 -19.68
CA LEU A 249 16.13 -3.15 -18.31
C LEU A 249 16.94 -2.14 -17.50
N VAL A 250 16.27 -1.08 -17.03
CA VAL A 250 16.94 0.00 -16.32
C VAL A 250 16.71 -0.21 -14.83
N LEU A 251 17.77 -0.47 -14.09
CA LEU A 251 17.69 -0.73 -12.66
C LEU A 251 18.10 0.53 -11.91
N GLY A 252 17.19 1.04 -11.09
CA GLY A 252 17.47 2.21 -10.29
C GLY A 252 16.89 3.50 -10.81
N GLY A 253 16.08 3.46 -11.86
CA GLY A 253 15.48 4.67 -12.37
C GLY A 253 14.94 4.59 -13.79
N ILE A 254 15.13 5.67 -14.53
CA ILE A 254 14.53 5.84 -15.85
C ILE A 254 15.60 6.40 -16.79
N GLU A 255 15.51 6.02 -18.05
CA GLU A 255 16.42 6.52 -19.09
C GLU A 255 15.62 7.32 -20.11
N PRO A 256 15.74 8.65 -20.13
CA PRO A 256 14.90 9.44 -21.04
C PRO A 256 15.05 9.04 -22.50
N SER A 257 16.21 8.50 -22.89
CA SER A 257 16.43 8.14 -24.28
C SER A 257 15.53 7.01 -24.74
N LEU A 258 14.90 6.29 -23.81
CA LEU A 258 14.15 5.08 -24.16
C LEU A 258 12.68 5.34 -24.42
N TYR A 259 12.21 6.58 -24.27
CA TYR A 259 10.81 6.90 -24.51
C TYR A 259 10.71 8.31 -25.07
N LYS A 260 9.53 8.62 -25.61
CA LYS A 260 9.22 9.93 -26.12
C LYS A 260 7.86 10.37 -25.59
N GLY A 261 7.64 11.67 -25.56
CA GLY A 261 6.39 12.19 -25.05
C GLY A 261 6.36 12.18 -23.53
N ASP A 262 5.14 12.18 -23.00
CA ASP A 262 4.92 12.26 -21.56
C ASP A 262 4.78 10.87 -20.96
N ILE A 263 5.15 10.77 -19.69
CA ILE A 263 4.89 9.58 -18.89
C ILE A 263 3.57 9.77 -18.15
N TRP A 264 2.71 8.75 -18.19
CA TRP A 264 1.48 8.74 -17.42
C TRP A 264 1.57 7.67 -16.35
N TYR A 265 1.32 8.06 -15.11
CA TYR A 265 1.45 7.17 -13.96
C TYR A 265 0.08 6.76 -13.46
N THR A 266 -0.05 5.48 -13.11
CA THR A 266 -1.25 4.94 -12.51
C THR A 266 -0.92 4.30 -11.17
N PRO A 267 -1.76 4.49 -10.15
CA PRO A 267 -1.40 3.99 -8.81
C PRO A 267 -1.33 2.48 -8.76
N ILE A 268 -0.52 1.98 -7.83
CA ILE A 268 -0.45 0.55 -7.53
C ILE A 268 -1.45 0.28 -6.41
N LYS A 269 -2.50 -0.49 -6.73
CA LYS A 269 -3.56 -0.73 -5.75
C LYS A 269 -3.11 -1.69 -4.65
N GLU A 270 -2.26 -2.67 -4.99
CA GLU A 270 -1.81 -3.65 -4.02
C GLU A 270 -0.42 -4.11 -4.39
N GLU A 271 0.46 -4.20 -3.39
CA GLU A 271 1.86 -4.55 -3.62
C GLU A 271 2.06 -6.05 -3.40
N TRP A 272 1.77 -6.82 -4.45
CA TRP A 272 2.11 -8.24 -4.52
C TRP A 272 2.54 -8.50 -5.96
N TYR A 273 1.60 -8.68 -6.87
CA TYR A 273 1.85 -8.37 -8.26
C TYR A 273 1.90 -6.85 -8.42
N TYR A 274 2.14 -6.39 -9.65
CA TYR A 274 1.99 -4.96 -9.96
C TYR A 274 0.55 -4.74 -10.38
N GLN A 275 -0.30 -4.65 -9.36
CA GLN A 275 -1.75 -4.56 -9.56
C GLN A 275 -2.14 -3.10 -9.77
N ILE A 276 -2.81 -2.82 -10.88
CA ILE A 276 -3.31 -1.49 -11.18
C ILE A 276 -4.83 -1.56 -11.35
N GLU A 277 -5.45 -0.39 -11.40
CA GLU A 277 -6.90 -0.27 -11.51
C GLU A 277 -7.27 0.07 -12.95
N ILE A 278 -7.96 -0.86 -13.62
CA ILE A 278 -8.52 -0.62 -14.94
C ILE A 278 -9.94 -0.11 -14.76
N LEU A 279 -10.27 0.97 -15.49
CA LEU A 279 -11.59 1.55 -15.41
C LEU A 279 -12.45 1.27 -16.64
N LYS A 280 -11.89 1.16 -17.83
CA LYS A 280 -12.66 1.00 -19.04
C LYS A 280 -11.83 0.37 -20.17
N LEU A 281 -12.48 -0.37 -21.05
CA LEU A 281 -11.87 -0.92 -22.24
C LEU A 281 -12.68 -0.49 -23.45
N GLU A 282 -11.98 -0.06 -24.50
CA GLU A 282 -12.62 0.41 -25.72
C GLU A 282 -12.06 -0.36 -26.91
N ILE A 283 -12.91 -0.66 -27.88
CA ILE A 283 -12.53 -1.37 -29.09
C ILE A 283 -13.11 -0.64 -30.28
N GLY A 284 -12.24 -0.19 -31.19
CA GLY A 284 -12.69 0.55 -32.35
C GLY A 284 -13.44 1.82 -31.99
N GLY A 285 -13.09 2.44 -30.86
CA GLY A 285 -13.73 3.66 -30.43
C GLY A 285 -14.97 3.48 -29.60
N GLN A 286 -15.47 2.26 -29.46
CA GLN A 286 -16.70 1.99 -28.73
C GLN A 286 -16.37 1.27 -27.43
N SER A 287 -16.93 1.76 -26.33
CA SER A 287 -16.62 1.24 -25.01
C SER A 287 -17.35 -0.07 -24.76
N LEU A 288 -16.67 -1.00 -24.09
CA LEU A 288 -17.36 -2.12 -23.48
C LEU A 288 -18.19 -1.62 -22.31
N ASN A 289 -19.46 -2.01 -22.26
CA ASN A 289 -20.38 -1.53 -21.24
C ASN A 289 -20.39 -2.42 -20.01
N LEU A 290 -19.30 -3.12 -19.73
CA LEU A 290 -19.20 -3.96 -18.55
C LEU A 290 -18.95 -3.10 -17.31
N ASP A 291 -19.42 -3.58 -16.17
CA ASP A 291 -19.05 -2.98 -14.89
C ASP A 291 -17.53 -2.93 -14.79
N CYS A 292 -17.01 -1.78 -14.35
CA CYS A 292 -15.56 -1.62 -14.27
C CYS A 292 -14.92 -2.57 -13.25
N ARG A 293 -15.72 -3.22 -12.41
CA ARG A 293 -15.18 -4.21 -11.50
C ARG A 293 -14.85 -5.54 -12.18
N GLU A 294 -15.38 -5.76 -13.39
CA GLU A 294 -15.07 -7.01 -14.10
C GLU A 294 -13.66 -6.99 -14.66
N TYR A 295 -13.12 -5.80 -14.96
CA TYR A 295 -11.73 -5.70 -15.38
C TYR A 295 -10.78 -5.96 -14.23
N ASN A 296 -11.24 -5.77 -13.01
CA ASN A 296 -10.48 -5.95 -11.81
C ASN A 296 -10.93 -7.13 -10.94
N ALA A 297 -11.68 -8.05 -11.51
CA ALA A 297 -12.17 -9.13 -10.71
C ALA A 297 -10.95 -9.93 -10.48
N ASP A 298 -10.64 -9.97 -9.21
CA ASP A 298 -9.49 -10.55 -8.59
C ASP A 298 -8.32 -9.63 -8.81
N LYS A 299 -7.77 -9.53 -10.01
CA LYS A 299 -6.73 -8.52 -10.22
C LYS A 299 -6.38 -8.16 -11.65
N ALA A 300 -5.94 -6.94 -11.86
CA ALA A 300 -5.39 -6.53 -13.14
C ALA A 300 -3.94 -6.15 -12.91
N ILE A 301 -3.02 -6.84 -13.59
CA ILE A 301 -1.61 -6.75 -13.25
C ILE A 301 -0.75 -6.55 -14.49
N VAL A 302 0.45 -6.04 -14.26
CA VAL A 302 1.46 -5.82 -15.29
C VAL A 302 2.55 -6.86 -15.08
N ASP A 303 2.65 -7.82 -16.00
CA ASP A 303 3.50 -9.00 -15.81
C ASP A 303 4.28 -9.27 -17.08
N SER A 304 5.57 -8.90 -17.08
CA SER A 304 6.42 -9.12 -18.24
C SER A 304 6.68 -10.60 -18.48
N GLY A 305 6.42 -11.44 -17.48
CA GLY A 305 6.61 -12.88 -17.63
C GLY A 305 5.49 -13.59 -18.35
N THR A 306 4.39 -12.89 -18.63
CA THR A 306 3.29 -13.44 -19.38
C THR A 306 3.34 -12.91 -20.81
N THR A 307 3.21 -13.80 -21.78
CA THR A 307 3.37 -13.41 -23.18
C THR A 307 2.17 -12.60 -23.66
N LEU A 308 0.98 -13.19 -23.61
CA LEU A 308 -0.19 -12.58 -24.22
C LEU A 308 -0.91 -11.65 -23.27
N LEU A 309 -1.93 -10.98 -23.79
CA LEU A 309 -2.89 -10.24 -22.97
C LEU A 309 -3.96 -11.23 -22.51
N ARG A 310 -4.06 -11.44 -21.21
CA ARG A 310 -4.99 -12.41 -20.64
C ARG A 310 -6.15 -11.66 -19.97
N LEU A 311 -7.37 -12.06 -20.28
CA LEU A 311 -8.56 -11.39 -19.81
C LEU A 311 -9.51 -12.37 -19.13
N PRO A 312 -10.16 -11.97 -18.03
CA PRO A 312 -11.20 -12.82 -17.45
C PRO A 312 -12.22 -13.21 -18.50
N GLN A 313 -12.80 -14.41 -18.33
CA GLN A 313 -13.59 -15.02 -19.39
C GLN A 313 -14.66 -14.07 -19.93
N LYS A 314 -15.42 -13.43 -19.03
CA LYS A 314 -16.47 -12.53 -19.49
C LYS A 314 -15.89 -11.35 -20.26
N VAL A 315 -14.79 -10.78 -19.76
CA VAL A 315 -14.11 -9.72 -20.49
C VAL A 315 -13.63 -10.22 -21.85
N PHE A 316 -13.05 -11.42 -21.87
CA PHE A 316 -12.56 -11.99 -23.12
C PHE A 316 -13.68 -12.15 -24.14
N ASP A 317 -14.79 -12.74 -23.71
CA ASP A 317 -15.94 -12.89 -24.61
C ASP A 317 -16.41 -11.54 -25.13
N ALA A 318 -16.46 -10.54 -24.25
CA ALA A 318 -16.89 -9.21 -24.67
C ALA A 318 -15.90 -8.61 -25.66
N VAL A 319 -14.61 -8.79 -25.43
CA VAL A 319 -13.60 -8.25 -26.34
C VAL A 319 -13.69 -8.94 -27.70
N VAL A 320 -13.76 -10.27 -27.69
CA VAL A 320 -13.82 -11.00 -28.95
C VAL A 320 -15.01 -10.55 -29.79
N GLU A 321 -16.18 -10.40 -29.15
CA GLU A 321 -17.36 -9.97 -29.88
C GLU A 321 -17.16 -8.57 -30.47
N ALA A 322 -16.60 -7.65 -29.69
CA ALA A 322 -16.40 -6.29 -30.17
C ALA A 322 -15.35 -6.24 -31.27
N VAL A 323 -14.29 -7.06 -31.15
CA VAL A 323 -13.27 -7.09 -32.19
C VAL A 323 -13.86 -7.59 -33.49
N ALA A 324 -14.63 -8.68 -33.42
CA ALA A 324 -15.22 -9.26 -34.62
C ALA A 324 -16.13 -8.25 -35.32
N ARG A 325 -16.94 -7.52 -34.55
CA ARG A 325 -17.86 -6.56 -35.15
C ARG A 325 -17.10 -5.41 -35.80
N ALA A 326 -16.14 -4.82 -35.08
CA ALA A 326 -15.40 -3.68 -35.60
C ALA A 326 -14.40 -4.04 -36.67
N SER A 327 -14.11 -5.33 -36.85
CA SER A 327 -13.14 -5.76 -37.86
C SER A 327 -13.75 -5.66 -39.25
N LEU A 328 -12.88 -5.44 -40.24
CA LEU A 328 -13.29 -5.47 -41.63
C LEU A 328 -13.39 -6.90 -42.18
N ILE A 329 -13.06 -7.90 -41.36
CA ILE A 329 -13.11 -9.31 -41.78
C ILE A 329 -14.53 -9.83 -41.55
N PRO A 330 -15.16 -10.42 -42.56
CA PRO A 330 -16.58 -10.79 -42.38
C PRO A 330 -16.82 -11.79 -41.26
N ALA A 331 -16.05 -12.88 -41.21
CA ALA A 331 -16.31 -13.94 -40.26
C ALA A 331 -15.01 -14.46 -39.67
N PHE A 332 -15.12 -15.05 -38.49
CA PHE A 332 -13.99 -15.59 -37.76
C PHE A 332 -14.28 -17.01 -37.31
N SER A 333 -13.29 -17.90 -37.47
CA SER A 333 -13.40 -19.23 -36.90
C SER A 333 -13.18 -19.16 -35.39
N ASP A 334 -13.85 -20.06 -34.66
CA ASP A 334 -13.67 -20.10 -33.22
C ASP A 334 -12.22 -20.38 -32.85
N GLY A 335 -11.54 -21.20 -33.65
CA GLY A 335 -10.15 -21.53 -33.33
C GLY A 335 -9.23 -20.33 -33.36
N PHE A 336 -9.52 -19.34 -34.21
CA PHE A 336 -8.70 -18.15 -34.25
C PHE A 336 -8.69 -17.44 -32.90
N TRP A 337 -9.88 -17.23 -32.33
CA TRP A 337 -9.96 -16.60 -31.01
C TRP A 337 -9.31 -17.46 -29.94
N THR A 338 -9.53 -18.77 -29.99
CA THR A 338 -8.96 -19.66 -28.99
C THR A 338 -7.46 -19.82 -29.14
N GLY A 339 -6.90 -19.41 -30.28
CA GLY A 339 -5.51 -19.68 -30.57
C GLY A 339 -5.25 -21.05 -31.15
N SER A 340 -6.30 -21.82 -31.43
CA SER A 340 -6.13 -23.13 -32.04
C SER A 340 -5.73 -23.04 -33.51
N GLN A 341 -5.95 -21.88 -34.14
CA GLN A 341 -5.71 -21.73 -35.57
C GLN A 341 -5.06 -20.38 -35.83
N LEU A 342 -4.39 -20.29 -36.97
CA LEU A 342 -3.74 -19.09 -37.38
C LEU A 342 -4.18 -18.65 -38.75
N ALA A 343 -4.13 -17.36 -39.00
CA ALA A 343 -4.50 -16.83 -40.28
C ALA A 343 -3.26 -16.51 -41.07
N CYS A 344 -3.15 -17.09 -42.23
CA CYS A 344 -1.99 -16.92 -43.09
C CYS A 344 -2.22 -16.02 -44.30
N TRP A 345 -1.29 -15.12 -44.55
CA TRP A 345 -1.41 -14.15 -45.63
C TRP A 345 -0.22 -14.25 -46.58
N SER A 348 3.44 -10.27 -47.61
CA SER A 348 3.46 -8.89 -48.09
C SER A 348 2.42 -8.04 -47.36
N GLU A 349 1.15 -8.33 -47.59
CA GLU A 349 0.08 -7.59 -46.96
C GLU A 349 -0.15 -8.07 -45.53
N THR A 350 -0.41 -7.13 -44.63
CA THR A 350 -0.67 -7.37 -43.22
C THR A 350 -2.17 -7.38 -42.97
N PRO A 351 -2.67 -8.23 -42.06
CA PRO A 351 -4.08 -8.11 -41.63
C PRO A 351 -4.30 -6.97 -40.64
N TRP A 352 -3.26 -6.22 -40.30
CA TRP A 352 -3.35 -5.24 -39.23
C TRP A 352 -4.36 -4.14 -39.55
N SER A 353 -4.49 -3.76 -40.81
CA SER A 353 -5.42 -2.70 -41.18
C SER A 353 -6.87 -3.17 -41.22
N TYR A 354 -7.13 -4.45 -40.95
CA TYR A 354 -8.49 -4.98 -40.92
C TYR A 354 -9.02 -5.12 -39.51
N PHE A 355 -8.24 -4.77 -38.48
CA PHE A 355 -8.63 -4.93 -37.09
C PHE A 355 -8.69 -3.60 -36.38
N PRO A 356 -9.50 -3.48 -35.34
CA PRO A 356 -9.61 -2.20 -34.63
C PRO A 356 -8.51 -2.04 -33.59
N LYS A 357 -8.44 -0.84 -33.04
CA LYS A 357 -7.55 -0.58 -31.91
C LYS A 357 -8.24 -0.95 -30.61
N ILE A 358 -7.43 -1.26 -29.60
CA ILE A 358 -7.92 -1.63 -28.28
C ILE A 358 -7.26 -0.71 -27.26
N SER A 359 -8.08 -0.07 -26.43
CA SER A 359 -7.60 0.90 -25.46
C SER A 359 -7.99 0.46 -24.05
N ILE A 360 -7.05 0.64 -23.13
CA ILE A 360 -7.26 0.35 -21.71
C ILE A 360 -7.13 1.65 -20.95
N TYR A 361 -8.22 2.06 -20.29
CA TYR A 361 -8.22 3.27 -19.49
C TYR A 361 -7.74 2.97 -18.08
N LEU A 362 -6.82 3.78 -17.58
CA LEU A 362 -6.22 3.60 -16.27
C LEU A 362 -6.38 4.87 -15.46
N ARG A 363 -6.71 4.71 -14.18
CA ARG A 363 -6.86 5.87 -13.31
C ARG A 363 -5.51 6.55 -13.11
N ASP A 364 -5.52 7.88 -13.15
CA ASP A 364 -4.33 8.68 -12.91
C ASP A 364 -4.08 8.80 -11.41
N GLU A 365 -2.87 9.23 -11.07
CA GLU A 365 -2.57 9.56 -9.68
C GLU A 365 -3.57 10.58 -9.15
N ASN A 366 -3.95 11.54 -9.99
CA ASN A 366 -5.10 12.40 -9.71
C ASN A 366 -6.36 11.57 -9.90
N SER A 367 -7.03 11.21 -8.81
CA SER A 367 -8.13 10.27 -8.88
C SER A 367 -9.27 10.78 -9.75
N SER A 368 -9.33 12.09 -10.02
CA SER A 368 -10.38 12.64 -10.85
C SER A 368 -10.11 12.46 -12.33
N ARG A 369 -9.03 11.77 -12.70
CA ARG A 369 -8.68 11.65 -14.11
C ARG A 369 -8.24 10.24 -14.45
N SER A 370 -8.25 9.96 -15.75
CA SER A 370 -7.74 8.71 -16.29
C SER A 370 -6.94 9.04 -17.56
N PHE A 371 -6.05 8.11 -17.92
CA PHE A 371 -5.41 8.11 -19.21
C PHE A 371 -5.65 6.75 -19.84
N ARG A 372 -5.34 6.63 -21.12
CA ARG A 372 -5.56 5.39 -21.84
C ARG A 372 -4.28 4.98 -22.56
N ILE A 373 -3.96 3.69 -22.48
CA ILE A 373 -2.95 3.07 -23.31
C ILE A 373 -3.67 2.29 -24.40
N THR A 374 -3.23 2.48 -25.64
CA THR A 374 -3.89 1.88 -26.80
C THR A 374 -2.91 0.98 -27.52
N ILE A 375 -3.34 -0.25 -27.81
CA ILE A 375 -2.55 -1.17 -28.61
C ILE A 375 -3.21 -1.26 -29.99
N LEU A 376 -2.38 -1.25 -31.01
CA LEU A 376 -2.83 -1.43 -32.38
C LEU A 376 -2.79 -2.90 -32.76
N PRO A 377 -3.46 -3.28 -33.85
CA PRO A 377 -3.42 -4.69 -34.27
C PRO A 377 -2.02 -5.25 -34.40
N GLN A 378 -1.01 -4.41 -34.67
CA GLN A 378 0.35 -4.89 -34.79
C GLN A 378 0.80 -5.65 -33.55
N LEU A 379 0.15 -5.44 -32.41
CA LEU A 379 0.56 -6.05 -31.15
C LEU A 379 -0.24 -7.29 -30.78
N TYR A 380 -1.53 -7.33 -31.09
CA TYR A 380 -2.36 -8.48 -30.71
C TYR A 380 -2.74 -9.37 -31.90
N ILE A 381 -2.32 -9.03 -33.11
CA ILE A 381 -2.37 -9.93 -34.25
C ILE A 381 -0.92 -10.25 -34.61
N GLN A 382 -0.45 -11.31 -34.02
CA GLN A 382 0.94 -11.64 -34.04
C GLN A 382 1.50 -12.66 -34.99
N PRO A 383 2.52 -12.26 -35.72
CA PRO A 383 3.28 -13.07 -36.67
C PRO A 383 3.98 -14.22 -35.96
N MET A 384 3.93 -15.39 -36.55
CA MET A 384 4.50 -16.54 -35.95
C MET A 384 5.68 -17.16 -36.65
N MET A 385 5.94 -16.79 -37.89
CA MET A 385 7.07 -17.41 -38.57
C MET A 385 8.14 -16.47 -39.02
N TYR A 391 5.11 -14.38 -46.83
CA TYR A 391 4.11 -15.29 -46.29
C TYR A 391 4.24 -15.41 -44.78
N GLU A 392 3.20 -15.04 -44.07
CA GLU A 392 3.26 -15.07 -42.64
C GLU A 392 1.94 -15.51 -42.09
N CYS A 393 1.95 -16.16 -40.94
CA CYS A 393 0.74 -16.58 -40.30
C CYS A 393 0.60 -15.81 -38.99
N TYR A 394 -0.62 -15.46 -38.64
CA TYR A 394 -0.82 -14.67 -37.46
C TYR A 394 -1.73 -15.28 -36.43
N ARG A 395 -1.47 -15.02 -35.16
CA ARG A 395 -2.32 -15.54 -34.11
C ARG A 395 -2.98 -14.46 -33.28
N PHE A 396 -4.15 -14.76 -32.73
CA PHE A 396 -4.81 -13.81 -31.85
C PHE A 396 -4.02 -13.69 -30.55
N GLY A 397 -3.55 -12.48 -30.25
CA GLY A 397 -2.64 -12.27 -29.13
C GLY A 397 -3.31 -12.07 -27.79
N ILE A 398 -4.57 -12.47 -27.68
CA ILE A 398 -5.34 -12.33 -26.46
C ILE A 398 -5.91 -13.69 -26.09
N SER A 399 -5.89 -14.02 -24.80
CA SER A 399 -6.33 -15.32 -24.34
C SER A 399 -7.21 -15.18 -23.10
N PRO A 400 -8.11 -16.13 -22.88
CA PRO A 400 -8.98 -16.05 -21.69
C PRO A 400 -8.29 -16.55 -20.44
N SER A 401 -8.55 -15.87 -19.34
CA SER A 401 -8.10 -16.28 -18.02
C SER A 401 -9.32 -16.55 -17.14
N THR A 402 -9.10 -17.21 -16.02
CA THR A 402 -10.14 -17.41 -15.01
C THR A 402 -10.06 -16.37 -13.90
N ASN A 403 -8.86 -16.06 -13.46
CA ASN A 403 -8.63 -15.25 -12.27
C ASN A 403 -8.34 -13.79 -12.58
N ALA A 404 -7.37 -13.54 -13.44
CA ALA A 404 -6.72 -12.24 -13.50
C ALA A 404 -6.79 -11.63 -14.91
N LEU A 405 -6.62 -10.31 -14.94
CA LEU A 405 -6.42 -9.56 -16.17
C LEU A 405 -4.93 -9.23 -16.24
N VAL A 406 -4.19 -9.97 -17.04
CA VAL A 406 -2.74 -9.88 -17.06
C VAL A 406 -2.32 -9.03 -18.25
N ILE A 407 -1.79 -7.83 -17.97
CA ILE A 407 -1.16 -7.02 -19.00
C ILE A 407 0.21 -7.64 -19.29
N GLY A 408 0.27 -8.50 -20.30
CA GLY A 408 1.47 -9.26 -20.61
C GLY A 408 2.39 -8.53 -21.56
N ALA A 409 3.34 -9.30 -22.10
CA ALA A 409 4.39 -8.71 -22.93
C ALA A 409 3.83 -8.09 -24.20
N THR A 410 2.77 -8.67 -24.77
CA THR A 410 2.24 -8.17 -26.03
C THR A 410 1.59 -6.80 -25.90
N VAL A 411 1.33 -6.33 -24.68
CA VAL A 411 0.95 -4.94 -24.44
C VAL A 411 2.16 -4.11 -24.06
N MET A 412 3.00 -4.63 -23.16
CA MET A 412 4.20 -3.91 -22.75
C MET A 412 5.15 -3.68 -23.91
N GLU A 413 5.02 -4.44 -25.00
CA GLU A 413 5.86 -4.23 -26.17
C GLU A 413 5.51 -2.96 -26.92
N GLY A 414 4.50 -2.22 -26.48
CA GLY A 414 4.13 -0.98 -27.14
C GLY A 414 4.50 0.25 -26.33
N PHE A 415 5.09 0.06 -25.16
CA PHE A 415 5.36 1.18 -24.26
C PHE A 415 6.66 0.96 -23.51
N TYR A 416 7.17 2.07 -22.96
CA TYR A 416 8.20 2.07 -21.94
C TYR A 416 7.52 2.06 -20.59
N VAL A 417 7.70 0.99 -19.83
CA VAL A 417 6.95 0.77 -18.58
C VAL A 417 7.88 1.01 -17.40
N ILE A 418 7.40 1.77 -16.42
CA ILE A 418 8.18 2.19 -15.27
C ILE A 418 7.55 1.60 -14.02
N PHE A 419 8.31 0.79 -13.30
CA PHE A 419 7.85 0.18 -12.06
C PHE A 419 8.39 1.01 -10.89
N ASP A 420 7.67 2.08 -10.59
CA ASP A 420 8.08 3.03 -9.55
C ASP A 420 7.53 2.53 -8.22
N ARG A 421 8.30 1.67 -7.55
CA ARG A 421 7.87 1.12 -6.27
C ARG A 421 7.97 2.14 -5.15
N ALA A 422 8.94 3.06 -5.24
CA ALA A 422 9.12 4.03 -4.18
C ALA A 422 7.91 4.96 -4.05
N GLN A 423 7.21 5.22 -5.15
CA GLN A 423 6.03 6.07 -5.13
C GLN A 423 4.74 5.30 -5.41
N LYS A 424 4.81 3.96 -5.40
CA LYS A 424 3.63 3.10 -5.49
C LYS A 424 2.81 3.42 -6.75
N ARG A 425 3.49 3.44 -7.89
CA ARG A 425 2.82 3.73 -9.15
C ARG A 425 3.54 3.02 -10.29
N VAL A 426 2.79 2.80 -11.36
CA VAL A 426 3.32 2.25 -12.60
C VAL A 426 3.19 3.32 -13.67
N GLY A 427 4.27 3.57 -14.40
CA GLY A 427 4.30 4.59 -15.44
C GLY A 427 4.36 3.97 -16.82
N PHE A 428 3.65 4.61 -17.76
CA PHE A 428 3.64 4.20 -19.16
C PHE A 428 4.05 5.38 -20.02
N ALA A 429 4.78 5.10 -21.10
CA ALA A 429 5.15 6.15 -22.05
C ALA A 429 5.33 5.53 -23.42
N ALA A 430 5.19 6.36 -24.45
CA ALA A 430 5.40 5.92 -25.82
C ALA A 430 6.85 5.46 -26.01
N SER A 431 7.04 4.44 -26.82
CA SER A 431 8.35 3.84 -27.03
C SER A 431 8.72 3.89 -28.50
N PRO A 432 9.72 4.69 -28.90
CA PRO A 432 10.15 4.66 -30.31
C PRO A 432 10.64 3.29 -30.73
N CYS A 433 11.19 2.52 -29.80
CA CYS A 433 11.75 1.21 -30.12
C CYS A 433 10.65 0.22 -30.49
N ALA A 434 9.38 0.53 -30.19
CA ALA A 434 8.28 -0.39 -30.42
C ALA A 434 7.74 -0.34 -31.84
N GLU A 435 8.09 0.70 -32.61
CA GLU A 435 7.56 0.85 -33.96
C GLU A 435 7.98 -0.33 -34.84
N ILE A 436 7.14 -0.63 -35.83
CA ILE A 436 7.46 -1.60 -36.86
C ILE A 436 7.49 -0.87 -38.20
N ALA A 437 8.66 -0.86 -38.84
CA ALA A 437 8.82 -0.23 -40.15
C ALA A 437 8.44 1.24 -40.10
N GLY A 438 8.79 1.90 -39.00
CA GLY A 438 8.50 3.31 -38.85
C GLY A 438 7.07 3.64 -38.55
N ALA A 439 6.22 2.64 -38.33
CA ALA A 439 4.81 2.86 -37.99
C ALA A 439 4.58 2.48 -36.54
N ALA A 440 3.83 3.34 -35.83
CA ALA A 440 3.57 3.10 -34.42
C ALA A 440 2.73 1.84 -34.24
N VAL A 441 2.91 1.21 -33.08
CA VAL A 441 2.13 0.05 -32.69
C VAL A 441 1.24 0.33 -31.51
N SER A 442 1.24 1.55 -31.00
CA SER A 442 0.51 1.87 -29.78
C SER A 442 0.33 3.39 -29.70
N GLU A 443 -0.61 3.80 -28.87
CA GLU A 443 -0.80 5.20 -28.54
C GLU A 443 -1.03 5.35 -27.04
N ILE A 444 -0.84 6.56 -26.55
CA ILE A 444 -1.11 6.89 -25.16
C ILE A 444 -1.62 8.33 -25.12
N SER A 445 -2.71 8.57 -24.40
CA SER A 445 -3.28 9.90 -24.36
C SER A 445 -4.05 10.10 -23.06
N GLY A 446 -4.36 11.37 -22.80
CA GLY A 446 -5.04 11.79 -21.59
C GLY A 446 -4.88 13.28 -21.41
N PRO A 447 -5.50 13.86 -20.36
CA PRO A 447 -6.30 13.15 -19.36
C PRO A 447 -7.78 13.05 -19.73
N PHE A 448 -8.49 12.15 -19.05
CA PHE A 448 -9.93 12.01 -19.19
C PHE A 448 -10.55 12.03 -17.81
N SER A 449 -11.66 12.74 -17.65
CA SER A 449 -12.30 12.82 -16.39
C SER A 449 -12.89 11.47 -16.00
N THR A 450 -12.92 11.18 -14.71
CA THR A 450 -13.47 9.95 -14.20
C THR A 450 -14.73 10.23 -13.43
N GLU A 451 -15.41 11.32 -13.75
CA GLU A 451 -16.66 11.68 -13.11
C GLU A 451 -17.72 10.59 -13.31
N ASP A 452 -17.76 9.97 -14.48
CA ASP A 452 -18.71 8.92 -14.86
C ASP A 452 -18.38 7.47 -14.45
N VAL A 453 -17.32 7.24 -13.68
CA VAL A 453 -17.00 5.89 -13.24
C VAL A 453 -16.81 5.85 -11.74
N ALA A 454 -17.04 4.71 -11.10
CA ALA A 454 -16.94 4.55 -9.66
C ALA A 454 -15.60 4.91 -9.07
N SER A 455 -15.61 5.31 -7.83
CA SER A 455 -14.38 5.79 -7.21
C SER A 455 -13.34 4.68 -7.11
N ASN A 456 -13.77 3.43 -6.99
CA ASN A 456 -12.85 2.29 -6.93
C ASN A 456 -13.45 1.15 -7.74
N CYS A 457 -12.73 0.74 -8.79
CA CYS A 457 -13.18 -0.33 -9.66
C CYS A 457 -12.60 -1.69 -9.25
N VAL A 458 -11.86 -1.75 -8.16
CA VAL A 458 -11.30 -3.01 -7.66
C VAL A 458 -12.26 -3.55 -6.59
N PRO A 459 -12.97 -4.66 -6.83
CA PRO A 459 -13.93 -5.19 -5.85
C PRO A 459 -13.27 -5.71 -4.59
N LEU B 78 16.74 -0.84 20.40
CA LEU B 78 16.95 -0.11 19.15
C LEU B 78 15.86 0.93 18.94
N ALA B 79 14.71 0.72 19.57
CA ALA B 79 13.58 1.62 19.43
C ALA B 79 13.65 2.74 20.47
N MET B 80 13.31 3.95 20.05
CA MET B 80 13.27 5.08 20.96
C MET B 80 11.99 5.03 21.79
N VAL B 81 12.14 5.21 23.10
CA VAL B 81 11.00 5.20 24.03
C VAL B 81 10.83 6.62 24.55
N ASP B 82 9.81 7.31 24.07
CA ASP B 82 9.54 8.70 24.45
C ASP B 82 8.35 8.75 25.40
N ASN B 83 8.57 9.25 26.61
CA ASN B 83 7.51 9.37 27.59
C ASN B 83 6.45 10.35 27.11
N LEU B 84 5.19 9.99 27.33
CA LEU B 84 4.06 10.85 27.02
C LEU B 84 3.48 11.42 28.31
N GLN B 85 2.81 12.57 28.19
CA GLN B 85 2.13 13.19 29.31
C GLN B 85 0.74 13.61 28.87
N GLY B 86 -0.15 13.77 29.85
CA GLY B 86 -1.53 14.08 29.58
C GLY B 86 -2.38 12.82 29.49
N ARG B 90 -6.87 16.06 27.80
CA ARG B 90 -7.33 15.17 26.75
C ARG B 90 -6.14 14.61 25.93
N GLY B 91 -5.48 15.38 24.98
CA GLY B 91 -4.44 14.96 24.07
C GLY B 91 -3.15 14.59 24.77
N TYR B 92 -2.43 13.65 24.16
CA TYR B 92 -1.14 13.17 24.68
C TYR B 92 0.00 13.87 23.94
N TYR B 93 0.97 14.37 24.71
CA TYR B 93 2.08 15.12 24.12
C TYR B 93 3.41 14.66 24.71
N LEU B 94 4.47 14.87 23.94
CA LEU B 94 5.82 14.49 24.35
C LEU B 94 6.73 15.71 24.32
N GLU B 95 7.72 15.72 25.22
CA GLU B 95 8.70 16.79 25.26
C GLU B 95 9.69 16.64 24.11
N MET B 96 9.96 17.73 23.42
CA MET B 96 10.79 17.69 22.22
C MET B 96 11.76 18.87 22.22
N LEU B 97 13.02 18.58 21.88
CA LEU B 97 14.05 19.59 21.76
C LEU B 97 14.22 19.95 20.29
N ILE B 98 14.16 21.25 19.99
CA ILE B 98 14.18 21.73 18.61
C ILE B 98 15.21 22.83 18.49
N GLY B 99 15.96 22.81 17.39
CA GLY B 99 16.88 23.87 17.08
C GLY B 99 18.21 23.75 17.82
N THR B 100 19.06 24.74 17.56
CA THR B 100 20.41 24.79 18.13
C THR B 100 20.69 26.20 18.63
N PRO B 101 20.82 26.42 19.95
CA PRO B 101 20.66 25.43 21.01
C PRO B 101 19.20 24.96 21.16
N PRO B 102 18.99 23.74 21.64
CA PRO B 102 17.64 23.18 21.65
C PRO B 102 16.67 24.01 22.47
N GLN B 103 15.49 24.22 21.92
CA GLN B 103 14.36 24.81 22.63
C GLN B 103 13.38 23.70 22.99
N LYS B 104 12.89 23.73 24.23
CA LYS B 104 12.02 22.66 24.73
C LYS B 104 10.56 23.01 24.45
N LEU B 105 9.87 22.13 23.74
CA LEU B 105 8.48 22.33 23.37
C LEU B 105 7.68 21.07 23.68
N GLN B 106 6.37 21.25 23.82
CA GLN B 106 5.44 20.18 24.13
C GLN B 106 4.57 19.91 22.90
N ILE B 107 4.68 18.71 22.34
CA ILE B 107 4.15 18.41 21.01
C ILE B 107 3.08 17.34 21.13
N LEU B 108 1.90 17.65 20.59
CA LEU B 108 0.80 16.70 20.57
C LEU B 108 1.06 15.61 19.54
N VAL B 109 0.78 14.37 19.93
CA VAL B 109 0.91 13.23 19.04
C VAL B 109 -0.41 13.05 18.31
N ASP B 110 -0.36 13.05 16.98
CA ASP B 110 -1.57 12.99 16.15
C ASP B 110 -1.35 11.98 15.03
N THR B 111 -1.97 10.81 15.15
CA THR B 111 -1.90 9.81 14.10
C THR B 111 -2.88 10.07 12.97
N GLY B 112 -3.66 11.15 13.06
CA GLY B 112 -4.61 11.52 12.03
C GLY B 112 -4.19 12.66 11.13
N SER B 113 -2.93 13.12 11.23
CA SER B 113 -2.40 14.14 10.36
C SER B 113 -0.94 13.81 10.08
N SER B 114 -0.30 14.60 9.21
CA SER B 114 1.03 14.24 8.74
C SER B 114 2.00 15.41 8.70
N ASN B 115 1.68 16.55 9.32
CA ASN B 115 2.56 17.70 9.35
C ASN B 115 3.13 17.90 10.73
N PHE B 116 4.42 18.22 10.79
CA PHE B 116 5.07 18.66 12.01
C PHE B 116 5.01 20.19 12.05
N ALA B 117 4.37 20.72 13.09
CA ALA B 117 4.20 22.16 13.21
C ALA B 117 4.27 22.55 14.69
N VAL B 118 4.77 23.76 14.94
CA VAL B 118 4.90 24.28 16.29
C VAL B 118 4.54 25.76 16.28
N ALA B 119 4.23 26.29 17.46
CA ALA B 119 3.95 27.71 17.59
C ALA B 119 5.22 28.51 17.35
N GLY B 120 5.11 29.57 16.54
CA GLY B 120 6.25 30.41 16.23
C GLY B 120 6.08 31.84 16.73
N THR B 121 4.88 32.17 17.16
CA THR B 121 4.56 33.47 17.74
C THR B 121 3.88 33.25 19.08
N PRO B 122 3.91 34.25 19.96
CA PRO B 122 3.22 34.10 21.25
C PRO B 122 1.71 33.90 21.05
N HIS B 123 1.10 33.24 22.02
CA HIS B 123 -0.34 33.03 22.03
C HIS B 123 -0.79 32.99 23.49
N SER B 124 -1.93 33.63 23.78
CA SER B 124 -2.36 33.77 25.16
C SER B 124 -2.66 32.43 25.82
N TYR B 125 -2.82 31.37 25.05
CA TYR B 125 -3.17 30.06 25.59
C TYR B 125 -2.00 29.09 25.57
N ILE B 126 -0.78 29.55 25.26
CA ILE B 126 0.42 28.73 25.32
C ILE B 126 1.45 29.43 26.18
N ASP B 127 2.40 28.66 26.70
CA ASP B 127 3.44 29.19 27.56
C ASP B 127 4.76 29.43 26.85
N THR B 128 4.98 28.78 25.70
CA THR B 128 6.22 28.96 24.96
C THR B 128 5.96 28.76 23.47
N TYR B 129 6.97 29.09 22.67
CA TYR B 129 6.91 28.91 21.22
C TYR B 129 8.33 28.76 20.69
N PHE B 130 8.43 28.36 19.43
CA PHE B 130 9.72 28.13 18.79
C PHE B 130 10.18 29.42 18.11
N ASP B 131 11.24 30.02 18.65
CA ASP B 131 11.83 31.24 18.09
C ASP B 131 12.92 30.82 17.10
N THR B 132 12.61 30.86 15.81
CA THR B 132 13.58 30.41 14.81
C THR B 132 14.83 31.27 14.81
N GLU B 133 14.71 32.54 15.19
CA GLU B 133 15.85 33.44 15.16
C GLU B 133 16.95 33.01 16.14
N ARG B 134 16.62 32.18 17.11
CA ARG B 134 17.58 31.72 18.10
C ARG B 134 18.18 30.37 17.75
N SER B 135 17.89 29.84 16.57
CA SER B 135 18.34 28.50 16.18
C SER B 135 19.43 28.64 15.12
N SER B 136 20.64 28.20 15.47
CA SER B 136 21.75 28.19 14.54
C SER B 136 21.41 27.45 13.26
N THR B 137 20.66 26.35 13.38
CA THR B 137 20.55 25.37 12.31
C THR B 137 19.23 25.48 11.56
N TYR B 138 18.36 26.40 11.96
CA TYR B 138 17.11 26.56 11.25
C TYR B 138 17.36 27.16 9.88
N ARG B 139 16.69 26.60 8.88
CA ARG B 139 16.78 27.11 7.51
C ARG B 139 15.37 27.22 6.95
N SER B 140 15.01 28.43 6.51
CA SER B 140 13.71 28.66 5.91
C SER B 140 13.67 28.10 4.49
N LYS B 141 12.50 27.57 4.11
CA LYS B 141 12.26 27.13 2.74
C LYS B 141 11.44 28.15 1.95
N GLY B 142 11.06 29.26 2.57
CA GLY B 142 10.50 30.38 1.84
C GLY B 142 9.09 30.22 1.32
N PHE B 143 8.22 29.58 2.08
CA PHE B 143 6.81 29.49 1.69
C PHE B 143 5.99 29.08 2.90
N ASP B 144 4.70 29.35 2.82
CA ASP B 144 3.76 29.08 3.90
C ASP B 144 2.86 27.91 3.52
N VAL B 145 2.24 27.33 4.55
CA VAL B 145 1.27 26.26 4.38
C VAL B 145 0.12 26.49 5.35
N THR B 146 -1.09 26.19 4.91
CA THR B 146 -2.29 26.30 5.73
C THR B 146 -2.91 24.91 5.86
N VAL B 147 -3.00 24.41 7.09
CA VAL B 147 -3.52 23.08 7.37
C VAL B 147 -4.78 23.22 8.21
N LYS B 148 -5.82 22.49 7.82
CA LYS B 148 -7.10 22.51 8.52
C LYS B 148 -7.40 21.10 9.01
N TYR B 149 -7.68 20.97 10.31
CA TYR B 149 -8.14 19.73 10.89
C TYR B 149 -9.65 19.79 11.07
N THR B 150 -10.22 18.70 11.59
CA THR B 150 -11.65 18.69 11.90
C THR B 150 -12.00 19.82 12.87
N GLN B 151 -11.07 20.19 13.74
CA GLN B 151 -11.28 21.26 14.72
C GLN B 151 -10.03 22.12 14.74
N GLY B 152 -10.10 23.28 14.09
CA GLY B 152 -9.03 24.25 14.12
C GLY B 152 -8.22 24.26 12.82
N SER B 153 -7.41 25.31 12.69
CA SER B 153 -6.57 25.49 11.51
C SER B 153 -5.44 26.45 11.84
N TRP B 154 -4.41 26.43 11.02
CA TRP B 154 -3.24 27.27 11.25
C TRP B 154 -2.49 27.50 9.94
N THR B 155 -1.67 28.56 9.94
CA THR B 155 -0.76 28.85 8.86
C THR B 155 0.62 29.11 9.44
N GLY B 156 1.65 28.52 8.84
CA GLY B 156 3.00 28.67 9.36
C GLY B 156 4.03 28.71 8.25
N PHE B 157 5.17 29.32 8.56
CA PHE B 157 6.31 29.29 7.67
C PHE B 157 6.92 27.89 7.65
N VAL B 158 7.25 27.40 6.46
CA VAL B 158 7.81 26.06 6.30
C VAL B 158 9.33 26.17 6.24
N GLY B 159 10.01 25.36 7.03
CA GLY B 159 11.46 25.32 7.03
C GLY B 159 11.97 23.96 7.47
N GLU B 160 13.21 23.92 7.98
CA GLU B 160 13.78 22.68 8.49
C GLU B 160 14.72 23.03 9.63
N ASP B 161 14.88 22.08 10.56
CA ASP B 161 15.75 22.29 11.71
C ASP B 161 16.04 20.94 12.35
N LEU B 162 16.96 20.96 13.31
CA LEU B 162 17.39 19.74 13.98
C LEU B 162 16.51 19.46 15.19
N VAL B 163 16.08 18.21 15.29
CA VAL B 163 15.28 17.72 16.41
C VAL B 163 16.04 16.56 17.03
N THR B 164 16.16 16.54 18.35
CA THR B 164 16.88 15.49 19.05
C THR B 164 16.00 14.84 20.11
N ILE B 165 16.18 13.53 20.27
CA ILE B 165 15.39 12.74 21.22
C ILE B 165 16.29 11.81 22.03
N PRO B 166 16.05 11.63 23.33
CA PRO B 166 17.00 10.86 24.15
C PRO B 166 16.78 9.36 24.10
N LYS B 167 17.90 8.62 23.96
CA LYS B 167 17.98 7.15 24.07
C LYS B 167 19.41 6.86 24.57
N GLY B 168 19.62 7.09 25.86
CA GLY B 168 20.97 7.22 26.37
C GLY B 168 21.58 8.46 25.76
N PHE B 169 22.45 8.30 24.77
CA PHE B 169 22.79 9.42 23.90
C PHE B 169 21.67 9.63 22.88
N ASN B 170 21.59 10.85 22.36
CA ASN B 170 20.55 11.22 21.42
C ASN B 170 21.17 11.70 20.12
N THR B 171 20.68 11.18 19.00
CA THR B 171 21.08 11.67 17.69
C THR B 171 20.05 12.67 17.19
N SER B 172 20.54 13.76 16.60
CA SER B 172 19.65 14.77 16.05
C SER B 172 19.20 14.39 14.65
N PHE B 173 18.05 14.91 14.25
CA PHE B 173 17.44 14.60 12.98
C PHE B 173 17.03 15.88 12.28
N LEU B 174 17.20 15.91 10.96
CA LEU B 174 16.82 17.05 10.14
C LEU B 174 15.42 16.79 9.60
N VAL B 175 14.44 17.56 10.09
CA VAL B 175 13.04 17.34 9.75
C VAL B 175 12.43 18.64 9.22
N ASN B 176 11.40 18.49 8.41
CA ASN B 176 10.56 19.63 8.04
C ASN B 176 9.76 20.09 9.25
N ILE B 177 9.55 21.41 9.33
CA ILE B 177 8.83 21.98 10.46
C ILE B 177 8.11 23.24 10.00
N ALA B 178 6.84 23.36 10.35
CA ALA B 178 6.04 24.54 10.09
C ALA B 178 5.92 25.34 11.38
N THR B 179 6.25 26.64 11.33
CA THR B 179 6.19 27.50 12.50
C THR B 179 4.96 28.38 12.37
N ILE B 180 3.96 28.11 13.23
CA ILE B 180 2.66 28.74 13.09
C ILE B 180 2.74 30.20 13.51
N PHE B 181 2.23 31.09 12.66
CA PHE B 181 2.10 32.51 13.00
C PHE B 181 0.67 33.02 12.90
N GLU B 182 -0.25 32.24 12.33
CA GLU B 182 -1.68 32.54 12.32
C GLU B 182 -2.44 31.25 12.56
N SER B 183 -3.49 31.33 13.36
CA SER B 183 -4.24 30.13 13.72
C SER B 183 -5.67 30.51 14.08
N GLU B 184 -6.56 29.53 13.95
CA GLU B 184 -7.98 29.66 14.32
C GLU B 184 -8.38 28.43 15.12
N ASN B 185 -8.80 28.65 16.36
CA ASN B 185 -9.29 27.59 17.23
C ASN B 185 -8.36 26.38 17.22
N PHE B 186 -7.05 26.64 17.16
CA PHE B 186 -6.05 25.60 17.27
C PHE B 186 -5.49 25.50 18.68
N PHE B 187 -4.91 26.60 19.18
CA PHE B 187 -4.45 26.68 20.56
C PHE B 187 -5.64 27.10 21.43
N LEU B 188 -6.19 26.15 22.17
CA LEU B 188 -7.39 26.38 22.95
C LEU B 188 -7.06 26.52 24.43
N PRO B 189 -7.92 27.16 25.21
CA PRO B 189 -7.64 27.32 26.65
C PRO B 189 -7.53 25.96 27.33
N GLY B 190 -6.51 25.82 28.18
CA GLY B 190 -6.32 24.63 28.96
C GLY B 190 -5.29 23.67 28.42
N ILE B 191 -5.03 23.68 27.11
CA ILE B 191 -4.11 22.71 26.53
C ILE B 191 -2.71 22.94 27.08
N LYS B 192 -1.92 21.86 27.10
CA LYS B 192 -0.55 21.91 27.57
C LYS B 192 0.47 21.85 26.44
N TRP B 193 0.05 21.59 25.21
CA TRP B 193 0.96 21.47 24.09
C TRP B 193 1.01 22.78 23.30
N ASN B 194 2.10 22.96 22.57
CA ASN B 194 2.32 24.14 21.74
C ASN B 194 2.72 23.76 20.31
N GLY B 195 2.56 22.50 19.92
CA GLY B 195 2.87 22.05 18.58
C GLY B 195 2.22 20.70 18.36
N ILE B 196 2.25 20.26 17.12
CA ILE B 196 1.59 19.02 16.72
C ILE B 196 2.56 18.17 15.91
N LEU B 197 2.53 16.86 16.16
CA LEU B 197 3.36 15.88 15.45
C LEU B 197 2.43 14.95 14.69
N GLY B 198 2.34 15.16 13.38
CA GLY B 198 1.54 14.29 12.54
C GLY B 198 2.28 13.03 12.16
N LEU B 199 1.74 11.87 12.55
CA LEU B 199 2.39 10.59 12.31
C LEU B 199 1.68 9.76 11.25
N ALA B 200 0.79 10.35 10.47
CA ALA B 200 0.09 9.63 9.41
C ALA B 200 0.99 9.58 8.17
N TYR B 201 0.44 9.11 7.05
CA TYR B 201 1.23 8.91 5.85
C TYR B 201 1.41 10.23 5.10
N ALA B 202 2.35 10.20 4.14
CA ALA B 202 2.71 11.41 3.41
C ALA B 202 1.57 11.92 2.53
N THR B 203 0.63 11.06 2.16
CA THR B 203 -0.46 11.48 1.28
C THR B 203 -1.37 12.51 1.94
N LEU B 204 -1.29 12.69 3.25
CA LEU B 204 -2.04 13.73 3.94
C LEU B 204 -1.21 14.98 4.19
N ALA B 205 0.10 14.94 3.96
CA ALA B 205 0.97 16.06 4.25
C ALA B 205 0.65 17.24 3.35
N LYS B 206 0.64 18.43 3.94
CA LYS B 206 0.47 19.67 3.20
C LYS B 206 1.81 20.40 3.13
N PRO B 207 2.10 21.08 2.01
CA PRO B 207 1.20 21.26 0.86
C PRO B 207 1.12 20.08 -0.08
N SER B 208 1.98 19.08 0.09
CA SER B 208 1.93 17.91 -0.78
C SER B 208 2.66 16.75 -0.13
N SER B 209 2.54 15.58 -0.78
CA SER B 209 3.23 14.38 -0.34
C SER B 209 4.75 14.56 -0.40
N SER B 210 5.24 15.55 -1.15
CA SER B 210 6.69 15.71 -1.31
C SER B 210 7.36 16.24 -0.06
N LEU B 211 6.60 16.87 0.86
CA LEU B 211 7.16 17.36 2.11
C LEU B 211 7.26 16.18 3.08
N GLU B 212 8.49 15.69 3.28
CA GLU B 212 8.69 14.45 4.03
C GLU B 212 8.21 14.59 5.47
N THR B 213 7.52 13.57 5.95
CA THR B 213 6.97 13.59 7.29
C THR B 213 8.08 13.43 8.33
N PHE B 214 7.73 13.77 9.58
CA PHE B 214 8.67 13.63 10.69
C PHE B 214 9.18 12.20 10.80
N PHE B 215 8.27 11.22 10.82
CA PHE B 215 8.68 9.84 11.02
C PHE B 215 9.47 9.31 9.83
N ASP B 216 9.07 9.69 8.62
CA ASP B 216 9.81 9.24 7.43
C ASP B 216 11.25 9.75 7.48
N SER B 217 11.45 10.98 7.93
CA SER B 217 12.81 11.48 8.13
C SER B 217 13.55 10.65 9.17
N LEU B 218 12.85 10.26 10.24
CA LEU B 218 13.46 9.45 11.28
C LEU B 218 13.90 8.10 10.74
N VAL B 219 13.03 7.42 10.00
CA VAL B 219 13.35 6.11 9.46
C VAL B 219 14.58 6.20 8.57
N THR B 220 14.61 7.20 7.68
CA THR B 220 15.71 7.30 6.72
C THR B 220 17.01 7.66 7.41
N GLN B 221 16.96 8.58 8.38
CA GLN B 221 18.19 9.11 8.97
C GLN B 221 18.71 8.19 10.08
N ALA B 222 17.84 7.73 10.98
CA ALA B 222 18.25 6.82 12.03
C ALA B 222 18.18 5.35 11.61
N ASN B 223 17.67 5.07 10.42
CA ASN B 223 17.64 3.70 9.88
C ASN B 223 16.96 2.74 10.86
N ILE B 224 15.85 3.18 11.44
CA ILE B 224 15.07 2.35 12.35
C ILE B 224 13.96 1.66 11.56
N PRO B 225 13.31 0.63 12.11
CA PRO B 225 12.18 0.02 11.41
C PRO B 225 11.03 1.01 11.25
N ASN B 226 10.30 0.86 10.14
CA ASN B 226 9.17 1.73 9.84
C ASN B 226 7.95 1.32 10.67
N VAL B 227 8.11 1.47 11.99
CA VAL B 227 7.07 1.06 12.94
C VAL B 227 7.14 2.00 14.14
N PHE B 228 5.98 2.33 14.69
CA PHE B 228 5.89 2.98 15.99
C PHE B 228 4.67 2.42 16.72
N SER B 229 4.65 2.63 18.04
CA SER B 229 3.57 2.10 18.86
C SER B 229 3.31 3.07 20.00
N MET B 230 2.08 3.04 20.51
CA MET B 230 1.63 4.01 21.51
C MET B 230 1.02 3.29 22.69
N GLN B 231 1.43 3.70 23.90
CA GLN B 231 0.87 3.19 25.15
C GLN B 231 0.27 4.39 25.89
N MET B 232 -1.05 4.55 25.79
CA MET B 232 -1.76 5.64 26.44
C MET B 232 -2.37 5.12 27.74
N CYS B 233 -2.00 5.73 28.86
CA CYS B 233 -2.38 5.25 30.18
C CYS B 233 -3.32 6.21 30.91
N GLY B 234 -4.09 6.99 30.17
CA GLY B 234 -4.92 8.01 30.78
C GLY B 234 -6.37 7.63 30.96
N ALA B 235 -6.66 6.34 31.05
CA ALA B 235 -8.03 5.90 31.23
C ALA B 235 -8.57 6.34 32.58
N GLY B 236 -9.82 6.81 32.59
CA GLY B 236 -10.46 7.21 33.82
C GLY B 236 -9.87 8.44 34.47
N LEU B 237 -9.18 9.28 33.73
CA LEU B 237 -8.63 10.49 34.30
C LEU B 237 -9.62 11.64 34.15
N PRO B 238 -9.94 12.36 35.23
CA PRO B 238 -10.84 13.51 35.09
C PRO B 238 -10.27 14.53 34.10
N VAL B 239 -11.10 15.08 33.24
CA VAL B 239 -10.59 16.06 32.31
C VAL B 239 -10.77 17.47 32.88
N GLY B 246 1.32 9.68 31.91
CA GLY B 246 0.85 9.82 30.54
C GLY B 246 0.93 8.54 29.74
N GLY B 247 2.14 8.10 29.44
CA GLY B 247 2.33 6.89 28.69
C GLY B 247 3.67 6.93 27.94
N SER B 248 3.68 6.28 26.79
CA SER B 248 4.92 6.11 26.04
C SER B 248 4.65 6.11 24.55
N LEU B 249 5.54 6.75 23.79
CA LEU B 249 5.57 6.68 22.34
C LEU B 249 6.86 5.98 21.95
N VAL B 250 6.74 4.81 21.32
CA VAL B 250 7.89 3.99 20.95
C VAL B 250 8.12 4.17 19.45
N LEU B 251 9.24 4.80 19.11
CA LEU B 251 9.57 5.08 17.71
C LEU B 251 10.60 4.07 17.23
N GLY B 252 10.24 3.29 16.22
CA GLY B 252 11.13 2.32 15.66
C GLY B 252 10.92 0.89 16.10
N GLY B 253 9.76 0.56 16.63
CA GLY B 253 9.48 -0.81 16.97
C GLY B 253 8.45 -0.91 18.09
N ILE B 254 8.61 -1.97 18.89
CA ILE B 254 7.67 -2.33 19.94
C ILE B 254 8.45 -2.61 21.20
N GLU B 255 7.85 -2.29 22.35
CA GLU B 255 8.47 -2.53 23.65
C GLU B 255 7.65 -3.59 24.38
N PRO B 256 8.22 -4.77 24.67
CA PRO B 256 7.40 -5.83 25.29
C PRO B 256 6.87 -5.45 26.66
N SER B 257 7.54 -4.56 27.38
CA SER B 257 7.14 -4.22 28.74
C SER B 257 5.88 -3.37 28.79
N LEU B 258 5.28 -3.02 27.65
CA LEU B 258 4.15 -2.12 27.63
C LEU B 258 2.83 -2.82 27.31
N TYR B 259 2.83 -4.14 27.15
CA TYR B 259 1.62 -4.88 26.86
C TYR B 259 1.73 -6.28 27.46
N LYS B 260 0.62 -7.01 27.40
CA LYS B 260 0.60 -8.40 27.83
C LYS B 260 -0.31 -9.19 26.91
N GLY B 261 -0.15 -10.52 26.94
CA GLY B 261 -0.91 -11.36 26.06
C GLY B 261 -0.40 -11.26 24.64
N ASP B 262 -1.28 -11.59 23.70
CA ASP B 262 -0.94 -11.63 22.29
C ASP B 262 -1.25 -10.31 21.61
N ILE B 263 -0.50 -10.02 20.55
CA ILE B 263 -0.77 -8.88 19.67
C ILE B 263 -1.60 -9.37 18.50
N TRP B 264 -2.69 -8.67 18.20
CA TRP B 264 -3.56 -8.98 17.08
C TRP B 264 -3.45 -7.86 16.05
N TYR B 265 -3.20 -8.24 14.80
CA TYR B 265 -2.96 -7.27 13.72
C TYR B 265 -4.14 -7.27 12.75
N THR B 266 -4.52 -6.07 12.33
CA THR B 266 -5.51 -5.91 11.28
C THR B 266 -4.89 -5.20 10.09
N PRO B 267 -5.25 -5.56 8.85
CA PRO B 267 -4.61 -4.93 7.69
C PRO B 267 -4.98 -3.46 7.54
N ILE B 268 -3.99 -2.66 7.13
CA ILE B 268 -4.22 -1.29 6.73
C ILE B 268 -4.74 -1.31 5.29
N LYS B 269 -5.98 -0.84 5.10
CA LYS B 269 -6.60 -0.89 3.79
C LYS B 269 -6.29 0.33 2.92
N GLU B 270 -5.95 1.47 3.54
CA GLU B 270 -5.63 2.67 2.77
C GLU B 270 -4.58 3.46 3.53
N GLU B 271 -3.51 3.86 2.83
CA GLU B 271 -2.37 4.51 3.45
C GLU B 271 -2.51 6.03 3.28
N TRP B 272 -3.38 6.62 4.09
CA TRP B 272 -3.49 8.07 4.23
C TRP B 272 -3.65 8.35 5.73
N TYR B 273 -4.87 8.26 6.24
CA TYR B 273 -5.05 7.93 7.64
C TYR B 273 -4.68 6.47 7.84
N TYR B 274 -4.76 6.00 9.09
CA TYR B 274 -4.59 4.58 9.39
C TYR B 274 -5.96 3.92 9.33
N GLN B 275 -6.41 3.67 8.11
CA GLN B 275 -7.73 3.13 7.88
C GLN B 275 -7.70 1.60 8.00
N ILE B 276 -8.67 1.05 8.73
CA ILE B 276 -8.78 -0.39 8.90
C ILE B 276 -10.22 -0.80 8.63
N GLU B 277 -10.43 -2.09 8.44
CA GLU B 277 -11.72 -2.64 8.05
C GLU B 277 -12.45 -3.14 9.29
N ILE B 278 -13.57 -2.50 9.62
CA ILE B 278 -14.41 -2.94 10.72
C ILE B 278 -15.48 -3.87 10.16
N LEU B 279 -15.68 -5.00 10.83
CA LEU B 279 -16.61 -6.02 10.37
C LEU B 279 -17.94 -5.98 11.10
N LYS B 280 -17.94 -5.65 12.39
CA LYS B 280 -19.15 -5.75 13.19
C LYS B 280 -18.97 -4.97 14.48
N LEU B 281 -20.10 -4.54 15.04
CA LEU B 281 -20.16 -3.90 16.34
C LEU B 281 -21.15 -4.67 17.21
N GLU B 282 -20.80 -4.85 18.48
CA GLU B 282 -21.64 -5.58 19.41
C GLU B 282 -21.78 -4.78 20.70
N ILE B 283 -23.01 -4.65 21.19
CA ILE B 283 -23.30 -3.99 22.45
C ILE B 283 -23.93 -5.01 23.38
N GLY B 284 -23.35 -5.17 24.57
CA GLY B 284 -23.89 -6.09 25.55
C GLY B 284 -24.10 -7.49 25.01
N GLY B 285 -23.28 -7.88 24.04
CA GLY B 285 -23.35 -9.20 23.46
C GLY B 285 -24.21 -9.33 22.23
N GLN B 286 -24.97 -8.29 21.86
CA GLN B 286 -25.85 -8.36 20.71
C GLN B 286 -25.34 -7.48 19.57
N SER B 287 -25.41 -8.03 18.37
CA SER B 287 -24.98 -7.35 17.15
C SER B 287 -25.86 -6.15 16.86
N LEU B 288 -25.26 -5.12 16.25
CA LEU B 288 -26.00 -3.91 15.93
C LEU B 288 -26.83 -4.03 14.66
N ASN B 289 -26.64 -5.09 13.88
CA ASN B 289 -27.52 -5.51 12.79
C ASN B 289 -27.31 -4.76 11.49
N LEU B 290 -26.45 -3.76 11.44
CA LEU B 290 -26.28 -2.99 10.22
C LEU B 290 -25.35 -3.72 9.25
N ASP B 291 -25.47 -3.37 7.97
CA ASP B 291 -24.59 -3.94 6.96
C ASP B 291 -23.17 -3.48 7.23
N CYS B 292 -22.21 -4.36 7.02
CA CYS B 292 -20.85 -4.07 7.43
C CYS B 292 -20.29 -2.83 6.76
N ARG B 293 -20.85 -2.41 5.63
CA ARG B 293 -20.31 -1.29 4.88
C ARG B 293 -20.62 0.05 5.51
N GLU B 294 -21.58 0.14 6.43
CA GLU B 294 -21.86 1.40 7.10
C GLU B 294 -20.87 1.68 8.23
N TYR B 295 -20.20 0.66 8.76
CA TYR B 295 -19.10 0.91 9.70
C TYR B 295 -17.89 1.51 9.00
N ASN B 296 -17.89 1.44 7.69
CA ASN B 296 -16.81 1.96 6.92
C ASN B 296 -17.36 3.01 6.01
N ALA B 297 -18.36 3.75 6.47
CA ALA B 297 -18.94 4.74 5.60
C ALA B 297 -17.87 5.76 5.52
N ASP B 298 -17.29 5.78 4.32
CA ASP B 298 -16.18 6.59 3.89
C ASP B 298 -14.86 6.06 4.40
N LYS B 299 -14.66 6.02 5.70
CA LYS B 299 -13.45 5.42 6.26
C LYS B 299 -13.54 5.11 7.74
N ALA B 300 -12.82 4.11 8.19
CA ALA B 300 -12.69 3.78 9.60
C ALA B 300 -11.20 3.90 9.85
N ILE B 301 -10.83 4.75 10.77
CA ILE B 301 -9.43 5.05 11.01
C ILE B 301 -9.12 5.07 12.49
N VAL B 302 -7.83 4.92 12.80
CA VAL B 302 -7.30 5.00 14.15
C VAL B 302 -6.58 6.34 14.27
N ASP B 303 -7.14 7.26 15.07
CA ASP B 303 -6.64 8.63 15.14
C ASP B 303 -6.46 9.02 16.60
N SER B 304 -5.20 9.11 17.03
CA SER B 304 -4.89 9.51 18.41
C SER B 304 -5.15 10.99 18.67
N GLY B 305 -5.36 11.79 17.63
CA GLY B 305 -5.65 13.20 17.81
C GLY B 305 -7.11 13.51 18.06
N THR B 306 -7.98 12.51 17.96
CA THR B 306 -9.39 12.65 18.23
C THR B 306 -9.69 12.06 19.61
N THR B 307 -10.38 12.81 20.46
CA THR B 307 -10.64 12.36 21.79
C THR B 307 -11.61 11.22 21.91
N LEU B 308 -12.75 11.35 21.29
CA LEU B 308 -13.78 10.37 21.44
C LEU B 308 -13.92 9.37 20.31
N LEU B 309 -14.74 8.40 20.57
CA LEU B 309 -15.17 7.48 19.52
C LEU B 309 -16.21 8.17 18.67
N ARG B 310 -15.90 8.40 17.40
CA ARG B 310 -16.80 9.09 16.48
C ARG B 310 -17.34 8.10 15.47
N LEU B 311 -18.66 8.07 15.32
CA LEU B 311 -19.36 7.10 14.50
C LEU B 311 -20.27 7.81 13.50
N PRO B 312 -20.42 7.26 12.30
CA PRO B 312 -21.38 7.86 11.35
C PRO B 312 -22.78 7.88 11.92
N GLN B 313 -23.54 8.91 11.55
CA GLN B 313 -24.84 9.16 12.16
C GLN B 313 -25.67 7.90 12.32
N LYS B 314 -25.86 7.16 11.23
CA LYS B 314 -26.68 5.96 11.29
C LYS B 314 -26.14 4.97 12.31
N VAL B 315 -24.84 4.69 12.25
CA VAL B 315 -24.22 3.79 13.22
C VAL B 315 -24.37 4.37 14.63
N PHE B 316 -24.17 5.68 14.76
CA PHE B 316 -24.29 6.32 16.07
C PHE B 316 -25.66 6.09 16.67
N ASP B 317 -26.73 6.35 15.89
CA ASP B 317 -28.07 6.17 16.41
C ASP B 317 -28.30 4.73 16.85
N ALA B 318 -27.83 3.76 16.06
CA ALA B 318 -27.98 2.36 16.45
C ALA B 318 -27.24 2.07 17.76
N VAL B 319 -26.04 2.62 17.92
CA VAL B 319 -25.28 2.40 19.14
C VAL B 319 -26.01 3.01 20.33
N VAL B 320 -26.50 4.24 20.18
CA VAL B 320 -27.21 4.90 21.27
C VAL B 320 -28.40 4.07 21.71
N GLU B 321 -29.19 3.60 20.74
CA GLU B 321 -30.35 2.77 21.06
C GLU B 321 -29.93 1.49 21.78
N ALA B 322 -28.88 0.83 21.30
CA ALA B 322 -28.44 -0.42 21.92
C ALA B 322 -27.91 -0.17 23.32
N VAL B 323 -27.22 0.95 23.54
CA VAL B 323 -26.70 1.23 24.87
C VAL B 323 -27.82 1.54 25.84
N ALA B 324 -28.81 2.31 25.40
CA ALA B 324 -29.91 2.68 26.29
C ALA B 324 -30.69 1.46 26.75
N ARG B 325 -30.99 0.54 25.82
CA ARG B 325 -31.79 -0.62 26.17
C ARG B 325 -31.02 -1.60 27.05
N ALA B 326 -29.70 -1.66 26.89
CA ALA B 326 -28.89 -2.58 27.69
C ALA B 326 -28.51 -2.00 29.05
N SER B 327 -28.51 -0.68 29.19
CA SER B 327 -28.10 -0.06 30.44
C SER B 327 -29.06 -0.46 31.57
N LEU B 328 -28.50 -0.59 32.78
CA LEU B 328 -29.33 -0.82 33.95
C LEU B 328 -30.16 0.40 34.28
N ILE B 329 -29.68 1.58 33.93
CA ILE B 329 -30.45 2.76 34.17
C ILE B 329 -31.61 2.77 33.21
N PRO B 330 -32.82 2.91 33.71
CA PRO B 330 -34.04 2.85 32.91
C PRO B 330 -34.23 3.89 31.81
N ALA B 331 -33.91 5.14 32.06
CA ALA B 331 -34.08 6.18 31.04
C ALA B 331 -33.04 7.30 31.12
N PHE B 332 -32.68 7.85 29.99
CA PHE B 332 -31.70 8.90 29.96
C PHE B 332 -32.19 10.09 29.18
N SER B 333 -31.82 11.28 29.62
CA SER B 333 -32.18 12.49 28.92
C SER B 333 -31.50 12.54 27.54
N ASP B 334 -32.14 13.02 26.50
CA ASP B 334 -31.51 13.03 25.18
C ASP B 334 -30.17 13.76 25.23
N GLY B 335 -30.08 14.82 26.02
CA GLY B 335 -28.85 15.60 26.12
C GLY B 335 -27.63 14.78 26.50
N PHE B 336 -27.83 13.64 27.13
CA PHE B 336 -26.72 12.81 27.49
C PHE B 336 -26.09 12.22 26.23
N TRP B 337 -26.91 11.64 25.39
CA TRP B 337 -26.41 11.02 24.18
C TRP B 337 -25.76 12.03 23.25
N THR B 338 -26.32 13.23 23.16
CA THR B 338 -25.79 14.24 22.26
C THR B 338 -24.54 14.91 22.80
N GLY B 339 -24.31 14.83 24.09
CA GLY B 339 -23.21 15.53 24.66
C GLY B 339 -23.60 16.87 25.24
N SER B 340 -24.88 17.23 25.18
CA SER B 340 -25.32 18.48 25.77
C SER B 340 -25.30 18.43 27.29
N GLN B 341 -25.48 17.23 27.83
CA GLN B 341 -25.58 17.00 29.23
C GLN B 341 -24.68 15.96 29.88
N LEU B 342 -24.32 16.19 31.13
CA LEU B 342 -23.51 15.30 31.90
C LEU B 342 -24.31 14.60 33.01
N ALA B 343 -24.14 13.29 33.16
CA ALA B 343 -24.81 12.56 34.21
C ALA B 343 -23.88 12.51 35.43
N CYS B 344 -24.40 12.74 36.62
CA CYS B 344 -23.60 12.82 37.83
C CYS B 344 -24.08 11.81 38.86
N TRP B 345 -23.12 11.28 39.62
CA TRP B 345 -23.39 10.28 40.64
C TRP B 345 -22.57 10.59 41.89
N THR B 346 -23.05 10.09 43.03
CA THR B 346 -22.28 10.19 44.26
C THR B 346 -21.02 9.33 44.15
N ASN B 347 -19.93 9.82 44.74
CA ASN B 347 -18.69 9.06 44.74
C ASN B 347 -18.79 7.76 45.53
N SER B 348 -19.88 7.57 46.27
CA SER B 348 -20.21 6.28 46.86
C SER B 348 -20.90 5.35 45.86
N GLU B 349 -20.86 5.70 44.58
CA GLU B 349 -21.52 4.95 43.52
C GLU B 349 -20.64 4.95 42.28
N THR B 350 -20.47 3.79 41.67
CA THR B 350 -19.72 3.71 40.42
C THR B 350 -20.69 3.43 39.28
N PRO B 351 -20.89 4.37 38.34
CA PRO B 351 -21.89 4.15 37.28
C PRO B 351 -21.40 3.26 36.14
N TRP B 352 -20.14 2.87 36.14
CA TRP B 352 -19.60 2.04 35.09
C TRP B 352 -20.33 0.71 34.98
N SER B 353 -20.74 0.14 36.08
CA SER B 353 -21.44 -1.14 36.07
C SER B 353 -22.86 -1.02 35.52
N TYR B 354 -23.36 0.19 35.30
CA TYR B 354 -24.70 0.38 34.76
C TYR B 354 -24.73 0.37 33.23
N PHE B 355 -23.57 0.23 32.58
CA PHE B 355 -23.50 0.30 31.13
C PHE B 355 -22.89 -0.97 30.56
N PRO B 356 -23.18 -1.30 29.30
CA PRO B 356 -22.66 -2.54 28.71
C PRO B 356 -21.31 -2.34 28.03
N LYS B 357 -20.68 -3.47 27.74
CA LYS B 357 -19.44 -3.46 26.98
C LYS B 357 -19.73 -3.20 25.50
N ILE B 358 -18.74 -2.61 24.82
CA ILE B 358 -18.83 -2.32 23.39
C ILE B 358 -17.64 -2.99 22.71
N SER B 359 -17.92 -3.76 21.65
CA SER B 359 -16.91 -4.56 20.99
C SER B 359 -16.87 -4.24 19.51
N ILE B 360 -15.66 -4.07 18.99
CA ILE B 360 -15.43 -3.78 17.57
C ILE B 360 -14.70 -4.97 16.98
N TYR B 361 -15.27 -5.56 15.92
CA TYR B 361 -14.66 -6.69 15.25
C TYR B 361 -13.84 -6.20 14.07
N LEU B 362 -12.58 -6.65 13.99
CA LEU B 362 -11.66 -6.26 12.93
C LEU B 362 -11.12 -7.50 12.25
N ARG B 363 -10.92 -7.40 10.93
CA ARG B 363 -10.40 -8.52 10.17
C ARG B 363 -8.94 -8.78 10.52
N ASP B 364 -8.59 -10.05 10.69
CA ASP B 364 -7.21 -10.43 10.95
C ASP B 364 -6.41 -10.41 9.65
N GLU B 365 -5.08 -10.44 9.78
CA GLU B 365 -4.24 -10.59 8.61
C GLU B 365 -4.65 -11.82 7.81
N ASN B 366 -5.03 -12.89 8.49
CA ASN B 366 -5.72 -14.01 7.87
C ASN B 366 -7.15 -13.58 7.56
N SER B 367 -7.47 -13.39 6.27
CA SER B 367 -8.78 -12.86 5.90
C SER B 367 -9.93 -13.77 6.31
N SER B 368 -9.64 -15.02 6.65
CA SER B 368 -10.69 -15.94 7.07
C SER B 368 -11.08 -15.76 8.52
N ARG B 369 -10.25 -15.09 9.32
CA ARG B 369 -10.47 -14.95 10.75
C ARG B 369 -10.59 -13.49 11.13
N SER B 370 -11.11 -13.25 12.33
CA SER B 370 -11.25 -11.91 12.87
C SER B 370 -10.98 -11.94 14.36
N PHE B 371 -10.73 -10.77 14.91
CA PHE B 371 -10.61 -10.56 16.35
C PHE B 371 -11.43 -9.33 16.71
N ARG B 372 -11.69 -9.18 18.01
CA ARG B 372 -12.50 -8.07 18.49
C ARG B 372 -11.76 -7.33 19.60
N ILE B 373 -11.81 -6.01 19.55
CA ILE B 373 -11.39 -5.15 20.66
C ILE B 373 -12.64 -4.69 21.37
N THR B 374 -12.63 -4.79 22.70
CA THR B 374 -13.78 -4.46 23.53
C THR B 374 -13.40 -3.39 24.53
N ILE B 375 -14.19 -2.33 24.59
CA ILE B 375 -14.00 -1.28 25.57
C ILE B 375 -15.07 -1.41 26.65
N LEU B 376 -14.67 -1.25 27.90
CA LEU B 376 -15.59 -1.25 29.02
C LEU B 376 -16.12 0.15 29.28
N PRO B 377 -17.23 0.28 29.99
CA PRO B 377 -17.78 1.62 30.27
C PRO B 377 -16.74 2.58 30.84
N GLN B 378 -15.75 2.09 31.54
CA GLN B 378 -14.67 2.91 31.99
C GLN B 378 -14.06 3.83 30.93
N LEU B 379 -14.01 3.40 29.69
CA LEU B 379 -13.51 4.22 28.65
C LEU B 379 -14.51 5.17 28.02
N TYR B 380 -15.77 4.79 27.85
CA TYR B 380 -16.74 5.65 27.19
C TYR B 380 -17.73 6.42 28.09
N ILE B 381 -17.61 6.29 29.40
CA ILE B 381 -18.44 7.01 30.33
C ILE B 381 -17.37 7.73 31.12
N GLN B 382 -16.97 8.89 30.63
CA GLN B 382 -15.83 9.60 31.15
C GLN B 382 -16.03 10.63 32.22
N PRO B 383 -15.28 10.53 33.31
CA PRO B 383 -15.46 11.54 34.34
C PRO B 383 -14.92 12.91 33.93
N MET B 384 -15.66 13.99 34.16
CA MET B 384 -15.23 15.31 33.75
C MET B 384 -14.90 16.21 34.90
N ASN B 390 -20.05 14.43 47.93
CA ASN B 390 -20.03 15.28 46.75
C ASN B 390 -19.88 14.45 45.49
N TYR B 391 -20.32 15.02 44.37
CA TYR B 391 -20.61 14.22 43.18
C TYR B 391 -19.43 14.13 42.22
N GLU B 392 -19.62 13.33 41.18
CA GLU B 392 -18.70 13.21 40.05
C GLU B 392 -19.55 13.08 38.79
N CYS B 393 -19.25 13.93 37.79
CA CYS B 393 -20.01 14.04 36.55
C CYS B 393 -19.39 13.36 35.34
N TYR B 394 -20.21 12.69 34.53
CA TYR B 394 -19.66 11.95 33.45
C TYR B 394 -20.29 12.35 32.13
N ARG B 395 -19.52 12.19 31.07
CA ARG B 395 -19.93 12.50 29.72
C ARG B 395 -20.00 11.26 28.87
N PHE B 396 -20.98 11.14 28.02
CA PHE B 396 -21.05 10.02 27.16
C PHE B 396 -19.85 10.23 26.24
N GLY B 397 -19.02 9.22 26.04
CA GLY B 397 -17.82 9.36 25.23
C GLY B 397 -17.85 8.97 23.78
N ILE B 398 -19.04 8.97 23.21
CA ILE B 398 -19.25 8.63 21.81
C ILE B 398 -20.03 9.77 21.16
N SER B 399 -19.57 10.22 20.00
CA SER B 399 -20.18 11.34 19.29
C SER B 399 -20.46 10.95 17.85
N PRO B 400 -21.44 11.59 17.22
CA PRO B 400 -21.76 11.26 15.82
C PRO B 400 -20.85 12.02 14.86
N SER B 401 -20.87 11.57 13.61
CA SER B 401 -20.09 12.22 12.57
C SER B 401 -20.78 12.01 11.23
N THR B 402 -20.65 13.00 10.36
CA THR B 402 -21.01 12.81 8.96
C THR B 402 -19.90 12.05 8.24
N ASN B 403 -18.66 12.30 8.63
CA ASN B 403 -17.51 11.98 7.78
C ASN B 403 -17.11 10.51 7.88
N ALA B 404 -16.77 10.07 9.08
CA ALA B 404 -16.06 8.80 9.20
C ALA B 404 -16.29 8.18 10.57
N LEU B 405 -15.82 6.94 10.71
CA LEU B 405 -15.78 6.24 11.99
C LEU B 405 -14.36 6.35 12.51
N VAL B 406 -14.17 7.13 13.57
CA VAL B 406 -12.84 7.44 14.09
C VAL B 406 -12.66 6.72 15.43
N ILE B 407 -11.72 5.78 15.47
CA ILE B 407 -11.29 5.15 16.72
C ILE B 407 -10.33 6.10 17.40
N GLY B 408 -10.87 6.96 18.27
CA GLY B 408 -10.09 8.01 18.90
C GLY B 408 -9.38 7.56 20.16
N ALA B 409 -8.86 8.54 20.89
CA ALA B 409 -8.07 8.24 22.10
C ALA B 409 -8.91 7.47 23.11
N THR B 410 -10.20 7.71 23.11
CA THR B 410 -11.14 7.06 23.99
C THR B 410 -10.98 5.55 23.94
N VAL B 411 -10.83 5.05 22.75
CA VAL B 411 -10.65 3.61 22.55
C VAL B 411 -9.19 3.22 22.71
N MET B 412 -8.28 4.00 22.14
CA MET B 412 -6.86 3.69 22.21
C MET B 412 -6.37 3.59 23.64
N GLU B 413 -7.04 4.26 24.58
CA GLU B 413 -6.58 4.30 25.96
C GLU B 413 -6.71 2.95 26.67
N GLY B 414 -7.37 1.98 26.04
CA GLY B 414 -7.49 0.65 26.60
C GLY B 414 -6.59 -0.38 25.97
N PHE B 415 -5.72 0.01 25.05
CA PHE B 415 -4.90 -0.94 24.33
C PHE B 415 -3.50 -0.38 24.07
N TYR B 416 -2.56 -1.30 23.92
CA TYR B 416 -1.28 -1.00 23.28
C TYR B 416 -1.48 -1.08 21.78
N VAL B 417 -1.18 0.01 21.08
CA VAL B 417 -1.53 0.15 19.67
C VAL B 417 -0.25 0.28 18.85
N ILE B 418 -0.10 -0.59 17.85
CA ILE B 418 1.11 -0.68 17.06
C ILE B 418 0.77 -0.24 15.63
N PHE B 419 1.48 0.77 15.15
CA PHE B 419 1.32 1.26 13.79
C PHE B 419 2.49 0.71 12.97
N ASP B 420 2.28 -0.45 12.35
CA ASP B 420 3.32 -1.16 11.63
C ASP B 420 3.20 -0.82 10.14
N ARG B 421 3.76 0.33 9.78
CA ARG B 421 3.69 0.78 8.38
C ARG B 421 4.48 -0.13 7.45
N ALA B 422 5.56 -0.72 7.95
CA ALA B 422 6.39 -1.57 7.10
C ALA B 422 5.60 -2.77 6.58
N GLN B 423 4.74 -3.35 7.41
CA GLN B 423 3.93 -4.49 7.02
C GLN B 423 2.46 -4.14 6.83
N LYS B 424 2.14 -2.85 6.72
CA LYS B 424 0.79 -2.39 6.38
C LYS B 424 -0.25 -2.99 7.33
N ARG B 425 -0.05 -2.79 8.63
CA ARG B 425 -0.96 -3.36 9.60
C ARG B 425 -0.95 -2.55 10.88
N VAL B 426 -2.05 -2.64 11.62
CA VAL B 426 -2.21 -2.02 12.93
C VAL B 426 -2.36 -3.14 13.96
N GLY B 427 -1.57 -3.08 15.02
CA GLY B 427 -1.59 -4.09 16.08
C GLY B 427 -2.30 -3.57 17.32
N PHE B 428 -3.06 -4.45 17.95
CA PHE B 428 -3.72 -4.16 19.22
C PHE B 428 -3.34 -5.22 20.23
N ALA B 429 -3.05 -4.79 21.46
CA ALA B 429 -2.72 -5.73 22.53
C ALA B 429 -3.16 -5.16 23.86
N ALA B 430 -3.41 -6.05 24.82
CA ALA B 430 -3.82 -5.63 26.15
C ALA B 430 -2.73 -4.81 26.82
N SER B 431 -3.15 -3.82 27.60
CA SER B 431 -2.23 -2.87 28.23
C SER B 431 -2.41 -2.89 29.73
N PRO B 432 -1.39 -3.24 30.51
CA PRO B 432 -1.57 -3.22 31.98
C PRO B 432 -1.80 -1.82 32.53
N CYS B 433 -1.16 -0.80 31.97
CA CYS B 433 -1.30 0.55 32.50
C CYS B 433 -2.69 1.12 32.26
N ALA B 434 -3.45 0.55 31.33
CA ALA B 434 -4.80 1.04 31.05
C ALA B 434 -5.74 0.80 32.23
N GLU B 435 -5.44 -0.17 33.08
CA GLU B 435 -6.31 -0.51 34.19
C GLU B 435 -6.52 0.68 35.11
N ILE B 436 -7.71 0.77 35.68
CA ILE B 436 -8.06 1.82 36.62
C ILE B 436 -8.11 1.17 38.00
N ALA B 437 -7.18 1.57 38.88
CA ALA B 437 -7.14 1.08 40.25
C ALA B 437 -7.15 -0.45 40.30
N GLY B 438 -6.50 -1.08 39.33
CA GLY B 438 -6.40 -2.52 39.27
C GLY B 438 -7.47 -3.20 38.44
N ALA B 439 -8.49 -2.47 38.00
CA ALA B 439 -9.58 -3.05 37.22
C ALA B 439 -9.35 -2.82 35.74
N ALA B 440 -9.66 -3.84 34.94
CA ALA B 440 -9.51 -3.73 33.50
C ALA B 440 -10.52 -2.73 32.94
N VAL B 441 -10.12 -2.09 31.85
CA VAL B 441 -10.99 -1.16 31.11
C VAL B 441 -11.28 -1.65 29.70
N SER B 442 -10.78 -2.81 29.32
CA SER B 442 -10.87 -3.27 27.94
C SER B 442 -10.53 -4.76 27.91
N GLU B 443 -10.85 -5.37 26.77
CA GLU B 443 -10.50 -6.77 26.53
C GLU B 443 -10.24 -6.94 25.04
N ILE B 444 -9.53 -8.01 24.70
CA ILE B 444 -9.25 -8.37 23.32
C ILE B 444 -9.25 -9.89 23.22
N SER B 445 -9.88 -10.41 22.17
CA SER B 445 -9.98 -11.86 22.01
C SER B 445 -10.13 -12.20 20.54
N GLY B 446 -9.75 -13.43 20.22
CA GLY B 446 -9.81 -13.95 18.88
C GLY B 446 -9.22 -15.35 18.85
N PRO B 447 -9.35 -16.06 17.72
CA PRO B 447 -9.98 -15.58 16.50
C PRO B 447 -11.46 -15.94 16.38
N PHE B 448 -12.15 -15.26 15.48
CA PHE B 448 -13.52 -15.57 15.09
C PHE B 448 -13.56 -15.71 13.59
N SER B 449 -14.33 -16.68 13.10
CA SER B 449 -14.41 -16.91 11.67
C SER B 449 -15.25 -15.83 11.00
N THR B 450 -14.89 -15.52 9.76
CA THR B 450 -15.54 -14.45 9.02
C THR B 450 -16.48 -14.99 7.95
N VAL B 453 -20.06 -13.07 7.10
CA VAL B 453 -19.79 -11.66 6.87
C VAL B 453 -19.16 -11.48 5.49
N ALA B 454 -19.34 -10.30 4.91
CA ALA B 454 -18.96 -10.06 3.53
C ALA B 454 -17.45 -10.15 3.35
N SER B 455 -17.04 -10.45 2.11
CA SER B 455 -15.62 -10.55 1.77
C SER B 455 -14.90 -9.24 2.05
N ASN B 456 -15.48 -8.12 1.61
CA ASN B 456 -14.91 -6.80 1.81
C ASN B 456 -16.01 -5.87 2.29
N CYS B 457 -15.78 -5.22 3.43
CA CYS B 457 -16.80 -4.40 4.07
C CYS B 457 -16.60 -2.92 3.85
N VAL B 458 -15.69 -2.55 2.95
CA VAL B 458 -15.38 -1.15 2.68
C VAL B 458 -16.11 -0.76 1.41
N PRO B 459 -17.10 0.14 1.47
CA PRO B 459 -17.81 0.54 0.25
C PRO B 459 -16.89 1.33 -0.69
N ALA B 460 -17.33 1.42 -1.94
CA ALA B 460 -16.60 2.16 -2.96
C ALA B 460 -17.04 3.62 -2.98
N UNK C 1 -7.37 -18.73 -45.66
CA UNK C 1 -6.06 -19.41 -45.44
C UNK C 1 -5.80 -19.62 -43.95
N UNK C 2 -6.63 -20.44 -43.33
CA UNK C 2 -6.48 -20.77 -41.91
C UNK C 2 -5.66 -22.04 -41.75
N UNK C 3 -4.81 -22.05 -40.73
CA UNK C 3 -3.94 -23.19 -40.44
C UNK C 3 -3.98 -23.50 -38.96
N UNK C 4 -3.78 -24.77 -38.63
CA UNK C 4 -3.70 -25.18 -37.24
C UNK C 4 -2.44 -24.61 -36.59
N UNK C 5 -2.55 -24.28 -35.31
CA UNK C 5 -1.45 -23.65 -34.57
C UNK C 5 -0.64 -24.75 -33.89
N UNK C 6 0.40 -25.21 -34.59
CA UNK C 6 1.31 -26.20 -34.02
C UNK C 6 2.37 -25.58 -33.12
N UNK C 7 2.52 -24.26 -33.15
CA UNK C 7 3.53 -23.58 -32.34
C UNK C 7 2.89 -22.87 -31.15
N UNK D 1 -21.11 20.53 28.73
CA UNK D 1 -21.33 20.81 30.17
C UNK D 1 -22.80 20.61 30.53
N UNK D 2 -23.28 21.35 31.52
CA UNK D 2 -24.69 21.34 31.89
C UNK D 2 -25.12 19.97 32.41
N UNK D 3 -25.40 19.87 33.70
CA UNK D 3 -25.51 18.58 34.34
C UNK D 3 -26.94 18.04 34.29
N UNK D 4 -27.17 16.92 34.97
CA UNK D 4 -28.47 16.28 35.09
C UNK D 4 -28.36 15.25 36.21
N UNK D 5 -29.51 14.77 36.65
CA UNK D 5 -29.57 13.76 37.72
C UNK D 5 -28.63 14.10 38.86
#